data_7VOH
#
_entry.id   7VOH
#
_cell.length_a   58.815
_cell.length_b   129.918
_cell.length_c   161.304
_cell.angle_alpha   90.000
_cell.angle_beta   90.000
_cell.angle_gamma   90.000
#
_symmetry.space_group_name_H-M   'P 21 21 21'
#
loop_
_entity.id
_entity.type
_entity.pdbx_description
1 polymer 'alpha-glucosidase QsGH13'
2 non-polymer 2-AMINO-2-HYDROXYMETHYL-PROPANE-1,3-DIOL
3 water water
#
_entity_poly.entity_id   1
_entity_poly.type   'polypeptide(L)'
_entity_poly.pdbx_seq_one_letter_code
;MSGKLPWWKGAVIYQIYPRSFMDSNGDGIGDLPGIAQRLPHIAELGADAIWISPFFKSPMKDFGYDVSDYCDVDPIFGTL
EDFDAVIARSHELGLKVLIDQVYSHTSDDHEWFAESRSNRDNPKAEWYVWADAKPDGSPPSNWQSVFGGPAWTWDARRGQ
YYLHNFLSSQPQLNLHNREAQQAVLDVMRFWLERGVDGFRIDALNFAMHDPQLRDNPPAPPTDKQRTRPFDFQLKTYNQS
HADIPAFIERIRALTDEFDGIFTVAEVGGDDAVREMKAFTEGETHLNSAYGFNFLYAEALTPQLVCSALAEWPEEPDLGW
PSWAFENHDAPRALSRWCTPEDRQAFARLKTLLLMSLRGNAILYYGEELGLTQVDIPFDQLHDPEAIANWPLTLSRDGAR
TPMPWDDSECAGFGSTAPWLPVGDDNRPRSVAAQLGDANSLLKFTRQAIALRKANPALHHGHVVECNHDGDLLELVREAG
GQRLRCRFNLGSKPVECDDCEGRTLLAINGAEPTALPPFAAIILETDT
;
_entity_poly.pdbx_strand_id   A,B
#
loop_
_chem_comp.id
_chem_comp.type
_chem_comp.name
_chem_comp.formula
TRS non-polymer 2-AMINO-2-HYDROXYMETHYL-PROPANE-1,3-DIOL 'C4 H12 N O3 1'
#
# COMPACT_ATOMS: atom_id res chain seq x y z
N LEU A 5 -2.39 -14.64 47.39
CA LEU A 5 -2.08 -13.17 47.53
C LEU A 5 -0.98 -12.76 46.55
N PRO A 6 -1.07 -13.05 45.23
CA PRO A 6 -0.04 -12.59 44.29
C PRO A 6 -0.15 -11.08 44.12
N TRP A 7 0.97 -10.41 43.90
CA TRP A 7 1.01 -8.93 43.83
C TRP A 7 0.06 -8.42 42.75
N TRP A 8 -0.05 -9.13 41.62
CA TRP A 8 -0.82 -8.70 40.41
C TRP A 8 -2.33 -8.84 40.62
N LYS A 9 -2.77 -9.72 41.52
CA LYS A 9 -4.22 -9.94 41.71
C LYS A 9 -4.79 -8.73 42.45
N GLY A 10 -5.51 -7.88 41.72
CA GLY A 10 -6.11 -6.63 42.24
C GLY A 10 -5.28 -5.41 41.90
N ALA A 11 -4.26 -5.55 41.07
CA ALA A 11 -3.34 -4.44 40.78
C ALA A 11 -4.02 -3.38 39.90
N VAL A 12 -3.46 -2.19 39.95
CA VAL A 12 -3.69 -1.15 38.90
C VAL A 12 -2.43 -1.12 38.05
N ILE A 13 -2.61 -1.23 36.74
CA ILE A 13 -1.51 -1.15 35.76
C ILE A 13 -1.69 0.09 34.90
N TYR A 14 -0.66 0.93 34.86
CA TYR A 14 -0.61 2.16 34.04
C TYR A 14 0.09 1.86 32.72
N GLN A 15 -0.66 1.91 31.61
CA GLN A 15 -0.11 1.56 30.29
C GLN A 15 0.55 2.81 29.73
N ILE A 16 1.83 2.69 29.37
CA ILE A 16 2.63 3.75 28.71
C ILE A 16 2.63 3.49 27.22
N TYR A 17 2.24 4.48 26.42
CA TYR A 17 2.48 4.52 24.96
C TYR A 17 3.77 5.30 24.71
N PRO A 18 4.93 4.60 24.64
CA PRO A 18 6.23 5.28 24.71
C PRO A 18 6.45 6.36 23.64
N ARG A 19 5.68 6.38 22.54
CA ARG A 19 5.84 7.44 21.51
C ARG A 19 5.30 8.78 22.02
N SER A 20 4.44 8.77 23.04
CA SER A 20 3.75 10.01 23.47
C SER A 20 3.80 10.22 24.99
N PHE A 21 4.70 9.56 25.73
CA PHE A 21 4.79 9.79 27.20
C PHE A 21 5.73 10.97 27.47
N MET A 22 6.94 10.97 26.92
CA MET A 22 7.93 12.06 27.19
C MET A 22 9.10 11.96 26.23
N ASP A 23 9.23 12.98 25.37
CA ASP A 23 10.31 13.11 24.36
C ASP A 23 11.49 13.82 25.02
N SER A 24 12.54 13.08 25.37
CA SER A 24 13.63 13.61 26.21
C SER A 24 14.79 14.11 25.35
N ASN A 25 14.69 14.08 24.01
CA ASN A 25 15.80 14.62 23.17
C ASN A 25 15.30 15.62 22.12
N GLY A 26 13.99 15.89 22.05
CA GLY A 26 13.43 16.99 21.23
C GLY A 26 13.22 16.65 19.77
N ASP A 27 13.03 15.38 19.40
CA ASP A 27 12.81 15.00 17.97
C ASP A 27 11.32 14.96 17.61
N GLY A 28 10.42 15.06 18.61
CA GLY A 28 8.96 14.98 18.43
C GLY A 28 8.35 13.67 18.93
N ILE A 29 9.19 12.73 19.40
CA ILE A 29 8.74 11.34 19.79
C ILE A 29 9.24 11.02 21.20
N GLY A 30 8.34 10.47 22.02
CA GLY A 30 8.69 9.96 23.36
C GLY A 30 9.80 8.94 23.27
N ASP A 31 10.49 8.71 24.39
CA ASP A 31 11.68 7.82 24.43
C ASP A 31 11.90 7.34 25.87
N LEU A 32 12.75 6.32 26.05
CA LEU A 32 12.91 5.58 27.32
C LEU A 32 13.52 6.50 28.40
N PRO A 33 14.60 7.28 28.14
CA PRO A 33 15.04 8.31 29.08
C PRO A 33 13.90 9.26 29.47
N GLY A 34 12.98 9.54 28.54
CA GLY A 34 11.78 10.35 28.84
C GLY A 34 10.95 9.66 29.90
N ILE A 35 10.74 8.36 29.72
CA ILE A 35 9.90 7.54 30.64
C ILE A 35 10.59 7.49 32.02
N ALA A 36 11.90 7.25 32.04
CA ALA A 36 12.70 7.23 33.28
C ALA A 36 12.42 8.51 34.07
N GLN A 37 12.54 9.68 33.44
CA GLN A 37 12.38 11.00 34.13
C GLN A 37 10.98 11.11 34.75
N ARG A 38 9.95 10.55 34.11
CA ARG A 38 8.53 10.80 34.48
C ARG A 38 7.98 9.69 35.37
N LEU A 39 8.73 8.62 35.65
CA LEU A 39 8.18 7.45 36.39
C LEU A 39 7.60 7.84 37.73
N PRO A 40 8.22 8.77 38.50
CA PRO A 40 7.65 9.21 39.78
C PRO A 40 6.18 9.59 39.68
N HIS A 41 5.76 10.23 38.59
CA HIS A 41 4.32 10.50 38.35
C HIS A 41 3.48 9.25 38.62
N ILE A 42 3.88 8.12 38.03
CA ILE A 42 3.10 6.85 38.09
C ILE A 42 3.17 6.33 39.53
N ALA A 43 4.35 6.40 40.13
CA ALA A 43 4.54 5.93 41.51
C ALA A 43 3.58 6.73 42.41
N GLU A 44 3.66 8.06 42.35
CA GLU A 44 2.87 8.99 43.20
C GLU A 44 1.38 8.73 42.94
N LEU A 45 1.02 8.27 41.74
CA LEU A 45 -0.39 7.93 41.41
C LEU A 45 -0.82 6.71 42.24
N GLY A 46 0.11 5.81 42.58
CA GLY A 46 -0.15 4.57 43.33
C GLY A 46 -0.49 3.38 42.44
N ALA A 47 -0.13 3.42 41.15
CA ALA A 47 -0.14 2.22 40.27
C ALA A 47 0.89 1.21 40.78
N ASP A 48 0.56 -0.08 40.71
CA ASP A 48 1.42 -1.21 41.15
C ASP A 48 2.43 -1.53 40.06
N ALA A 49 2.09 -1.35 38.80
CA ALA A 49 2.98 -1.71 37.69
C ALA A 49 2.87 -0.69 36.56
N ILE A 50 3.86 -0.71 35.68
CA ILE A 50 3.73 -0.11 34.33
C ILE A 50 3.64 -1.26 33.30
N TRP A 51 2.87 -1.02 32.23
CA TRP A 51 2.98 -1.82 30.99
C TRP A 51 3.47 -0.89 29.90
N ILE A 52 4.65 -1.20 29.38
CA ILE A 52 5.28 -0.43 28.27
C ILE A 52 4.84 -1.08 26.95
N SER A 53 4.10 -0.33 26.13
CA SER A 53 3.74 -0.72 24.75
C SER A 53 5.04 -0.87 23.97
N PRO A 54 5.04 -1.48 22.77
CA PRO A 54 6.29 -1.93 22.15
C PRO A 54 7.25 -0.76 21.92
N PHE A 55 8.53 -1.03 22.21
CA PHE A 55 9.65 -0.10 22.00
C PHE A 55 10.77 -0.83 21.26
N PHE A 56 10.51 -2.06 20.82
CA PHE A 56 11.56 -2.87 20.14
C PHE A 56 11.83 -2.29 18.77
N LYS A 57 12.95 -2.69 18.16
CA LYS A 57 13.32 -2.29 16.78
C LYS A 57 12.11 -2.55 15.87
N SER A 58 11.73 -1.55 15.07
CA SER A 58 10.49 -1.62 14.28
C SER A 58 10.50 -0.59 13.17
N PRO A 59 10.00 -0.94 11.96
CA PRO A 59 9.70 0.05 10.93
C PRO A 59 8.53 1.00 11.25
N MET A 60 7.69 0.64 12.22
CA MET A 60 6.64 1.51 12.82
C MET A 60 5.42 1.62 11.89
N LYS A 61 5.15 0.60 11.06
CA LYS A 61 3.94 0.54 10.19
C LYS A 61 2.68 0.40 11.04
N ASP A 62 2.71 -0.47 12.06
CA ASP A 62 1.74 -0.48 13.17
C ASP A 62 2.41 0.15 14.41
N PHE A 63 3.23 1.16 14.20
CA PHE A 63 3.86 1.97 15.29
C PHE A 63 4.36 1.04 16.40
N GLY A 64 5.30 0.17 16.09
CA GLY A 64 6.03 -0.66 17.07
C GLY A 64 5.49 -2.07 17.20
N TYR A 65 4.22 -2.31 16.82
CA TYR A 65 3.61 -3.66 16.88
C TYR A 65 4.05 -4.50 15.68
N ASP A 66 4.93 -3.97 14.84
CA ASP A 66 5.50 -4.68 13.67
C ASP A 66 7.01 -4.81 13.94
N VAL A 67 7.38 -5.85 14.69
CA VAL A 67 8.76 -5.92 15.28
C VAL A 67 9.71 -6.54 14.28
N SER A 68 10.88 -5.92 14.11
CA SER A 68 11.98 -6.38 13.23
C SER A 68 13.16 -6.95 14.04
N ASP A 69 13.21 -6.73 15.35
CA ASP A 69 14.19 -7.40 16.26
C ASP A 69 13.54 -7.49 17.64
N TYR A 70 13.20 -8.70 18.06
CA TYR A 70 12.44 -8.93 19.32
C TYR A 70 13.33 -8.64 20.54
N CYS A 71 14.64 -8.50 20.39
CA CYS A 71 15.57 -8.46 21.56
C CYS A 71 16.44 -7.21 21.52
N ASP A 72 15.93 -6.12 20.96
CA ASP A 72 16.66 -4.83 21.00
C ASP A 72 15.64 -3.69 21.04
N VAL A 73 16.11 -2.51 21.41
CA VAL A 73 15.30 -1.28 21.53
C VAL A 73 15.45 -0.52 20.21
N ASP A 74 14.36 0.02 19.68
CA ASP A 74 14.42 0.82 18.45
C ASP A 74 15.18 2.11 18.73
N PRO A 75 16.10 2.54 17.82
CA PRO A 75 16.77 3.83 17.98
C PRO A 75 15.81 5.00 18.31
N ILE A 76 14.58 4.97 17.80
CA ILE A 76 13.57 6.02 18.07
C ILE A 76 13.48 6.26 19.58
N PHE A 77 13.56 5.19 20.39
CA PHE A 77 13.28 5.24 21.84
C PHE A 77 14.57 5.25 22.66
N GLY A 78 15.74 5.10 22.05
CA GLY A 78 17.02 4.98 22.78
C GLY A 78 17.60 3.59 22.63
N THR A 79 18.15 3.01 23.70
CA THR A 79 19.00 1.79 23.64
C THR A 79 18.58 0.79 24.70
N LEU A 80 19.21 -0.38 24.67
CA LEU A 80 19.04 -1.41 25.71
C LEU A 80 19.57 -0.85 27.05
N GLU A 81 20.60 0.00 27.02
CA GLU A 81 21.09 0.68 28.25
C GLU A 81 19.93 1.44 28.88
N ASP A 82 19.12 2.11 28.05
CA ASP A 82 18.02 2.98 28.53
C ASP A 82 16.90 2.13 29.13
N PHE A 83 16.66 0.93 28.59
CA PHE A 83 15.59 0.04 29.08
C PHE A 83 15.97 -0.51 30.47
N ASP A 84 17.25 -0.86 30.67
CA ASP A 84 17.73 -1.36 31.99
C ASP A 84 17.58 -0.26 33.03
N ALA A 85 17.77 1.00 32.65
CA ALA A 85 17.60 2.17 33.56
C ALA A 85 16.12 2.39 33.95
N VAL A 86 15.17 2.19 33.04
CA VAL A 86 13.70 2.29 33.32
C VAL A 86 13.35 1.18 34.30
N ILE A 87 13.94 -0.01 34.11
CA ILE A 87 13.67 -1.16 35.02
C ILE A 87 14.18 -0.78 36.42
N ALA A 88 15.41 -0.29 36.52
CA ALA A 88 16.06 -0.04 37.83
C ALA A 88 15.37 1.12 38.54
N ARG A 89 15.01 2.19 37.82
CA ARG A 89 14.31 3.35 38.43
C ARG A 89 12.95 2.90 38.96
N SER A 90 12.20 2.17 38.14
CA SER A 90 10.84 1.65 38.47
C SER A 90 10.92 0.85 39.77
N HIS A 91 11.86 -0.09 39.84
CA HIS A 91 11.99 -1.02 41.00
C HIS A 91 12.37 -0.19 42.22
N GLU A 92 13.21 0.85 42.04
CA GLU A 92 13.58 1.76 43.16
C GLU A 92 12.31 2.47 43.65
N LEU A 93 11.34 2.74 42.77
CA LEU A 93 10.07 3.44 43.12
C LEU A 93 8.99 2.45 43.56
N GLY A 94 9.32 1.15 43.64
CA GLY A 94 8.39 0.09 44.02
C GLY A 94 7.43 -0.26 42.88
N LEU A 95 7.71 0.17 41.65
CA LEU A 95 6.90 -0.18 40.47
C LEU A 95 7.39 -1.50 39.88
N LYS A 96 6.46 -2.42 39.67
CA LYS A 96 6.66 -3.60 38.81
C LYS A 96 6.66 -3.10 37.36
N VAL A 97 7.28 -3.87 36.47
CA VAL A 97 7.39 -3.48 35.04
C VAL A 97 6.93 -4.62 34.14
N LEU A 98 5.91 -4.33 33.34
CA LEU A 98 5.39 -5.24 32.30
C LEU A 98 5.77 -4.68 30.94
N ILE A 99 6.19 -5.56 30.03
CA ILE A 99 6.44 -5.11 28.63
C ILE A 99 5.50 -5.87 27.71
N ASP A 100 5.24 -5.25 26.56
CA ASP A 100 4.38 -5.84 25.50
C ASP A 100 5.18 -6.95 24.84
N GLN A 101 4.55 -8.09 24.59
CA GLN A 101 5.15 -9.19 23.78
C GLN A 101 4.24 -9.51 22.60
N VAL A 102 4.79 -9.45 21.39
CA VAL A 102 3.98 -9.50 20.14
C VAL A 102 4.32 -10.79 19.39
N TYR A 103 3.55 -11.86 19.57
CA TYR A 103 3.92 -13.21 19.07
C TYR A 103 3.06 -13.73 17.92
N SER A 104 2.02 -13.03 17.48
CA SER A 104 1.19 -13.52 16.35
C SER A 104 1.81 -13.14 14.98
N HIS A 105 2.83 -12.29 14.96
CA HIS A 105 3.41 -11.81 13.68
C HIS A 105 4.70 -11.06 13.99
N THR A 106 5.51 -10.85 12.95
CA THR A 106 6.67 -9.95 12.99
C THR A 106 6.53 -8.94 11.85
N SER A 107 7.39 -7.93 11.84
CA SER A 107 7.57 -7.07 10.65
C SER A 107 7.89 -7.96 9.46
N ASP A 108 7.66 -7.46 8.25
CA ASP A 108 8.22 -8.08 7.04
C ASP A 108 9.73 -7.85 7.03
N ASP A 109 10.25 -6.87 7.77
CA ASP A 109 11.72 -6.58 7.79
C ASP A 109 12.46 -7.43 8.84
N HIS A 110 11.75 -8.28 9.59
CA HIS A 110 12.37 -9.19 10.57
C HIS A 110 13.27 -10.21 9.87
N GLU A 111 14.40 -10.54 10.48
CA GLU A 111 15.37 -11.48 9.87
C GLU A 111 14.71 -12.84 9.61
N TRP A 112 13.81 -13.30 10.46
CA TRP A 112 13.13 -14.61 10.27
C TRP A 112 12.36 -14.61 8.93
N PHE A 113 11.58 -13.57 8.66
CA PHE A 113 10.74 -13.47 7.44
C PHE A 113 11.65 -13.35 6.22
N ALA A 114 12.74 -12.57 6.32
CA ALA A 114 13.68 -12.39 5.19
C ALA A 114 14.22 -13.77 4.79
N GLU A 115 14.49 -14.63 5.77
CA GLU A 115 14.88 -16.05 5.54
C GLU A 115 13.68 -16.84 5.01
N SER A 116 12.52 -16.73 5.65
CA SER A 116 11.32 -17.54 5.31
C SER A 116 10.90 -17.26 3.86
N ARG A 117 10.77 -15.99 3.49
CA ARG A 117 10.26 -15.60 2.16
C ARG A 117 11.28 -15.90 1.05
N SER A 118 12.53 -16.23 1.39
CA SER A 118 13.67 -16.32 0.43
C SER A 118 13.39 -17.40 -0.63
N ASN A 119 12.72 -18.49 -0.24
CA ASN A 119 12.46 -19.72 -1.06
C ASN A 119 11.56 -20.67 -0.26
N ARG A 120 11.41 -21.91 -0.69
CA ARG A 120 10.43 -22.87 -0.09
C ARG A 120 11.14 -23.91 0.78
N ASP A 121 12.48 -23.96 0.79
CA ASP A 121 13.23 -25.09 1.41
C ASP A 121 14.03 -24.62 2.63
N ASN A 122 14.16 -23.32 2.87
CA ASN A 122 15.08 -22.78 3.89
C ASN A 122 14.63 -23.25 5.27
N PRO A 123 15.49 -23.17 6.32
CA PRO A 123 15.14 -23.67 7.65
C PRO A 123 13.90 -22.97 8.23
N LYS A 124 13.62 -21.74 7.78
CA LYS A 124 12.46 -20.97 8.29
C LYS A 124 11.35 -20.95 7.23
N ALA A 125 11.41 -21.80 6.22
CA ALA A 125 10.33 -21.86 5.20
C ALA A 125 8.97 -21.82 5.90
N GLU A 126 8.83 -22.52 7.03
CA GLU A 126 7.53 -22.91 7.63
C GLU A 126 7.23 -22.11 8.91
N TRP A 127 8.03 -21.10 9.25
CA TRP A 127 7.82 -20.27 10.46
C TRP A 127 6.70 -19.25 10.22
N TYR A 128 6.34 -19.06 8.94
CA TYR A 128 5.22 -18.18 8.54
C TYR A 128 4.24 -19.01 7.71
N VAL A 129 3.13 -18.38 7.34
CA VAL A 129 2.01 -19.14 6.73
C VAL A 129 2.00 -18.85 5.24
N TRP A 130 2.51 -19.83 4.50
CA TRP A 130 2.69 -19.76 3.04
C TRP A 130 1.69 -20.72 2.42
N ALA A 131 1.12 -20.31 1.29
CA ALA A 131 0.20 -21.17 0.50
C ALA A 131 0.21 -20.73 -0.96
N ASP A 132 -0.03 -21.70 -1.83
CA ASP A 132 -0.09 -21.42 -3.28
C ASP A 132 -1.34 -20.58 -3.57
N ALA A 133 -1.30 -19.76 -4.59
CA ALA A 133 -2.52 -19.13 -5.16
C ALA A 133 -3.47 -20.24 -5.62
N LYS A 134 -4.77 -19.93 -5.72
CA LYS A 134 -5.76 -20.73 -6.50
C LYS A 134 -5.27 -20.80 -7.95
N PRO A 135 -5.72 -21.79 -8.76
CA PRO A 135 -5.34 -21.88 -10.17
C PRO A 135 -5.69 -20.63 -11.00
N ASP A 136 -6.59 -19.77 -10.51
CA ASP A 136 -6.97 -18.52 -11.22
C ASP A 136 -6.20 -17.31 -10.70
N GLY A 137 -5.27 -17.49 -9.75
CA GLY A 137 -4.48 -16.39 -9.15
C GLY A 137 -5.02 -15.91 -7.81
N SER A 138 -6.26 -16.29 -7.44
CA SER A 138 -6.94 -15.83 -6.20
C SER A 138 -6.09 -16.17 -4.98
N PRO A 139 -6.34 -15.56 -3.81
CA PRO A 139 -5.64 -15.94 -2.58
C PRO A 139 -6.10 -17.30 -2.08
N PRO A 140 -5.36 -17.95 -1.15
CA PRO A 140 -5.63 -19.34 -0.79
C PRO A 140 -6.96 -19.50 -0.03
N SER A 141 -7.47 -18.41 0.54
CA SER A 141 -8.76 -18.41 1.30
C SER A 141 -9.39 -17.03 1.22
N ASN A 142 -10.59 -16.89 1.75
CA ASN A 142 -11.36 -15.64 1.68
C ASN A 142 -11.08 -14.73 2.88
N TRP A 143 -10.04 -15.02 3.67
CA TRP A 143 -9.73 -14.28 4.92
C TRP A 143 -9.33 -12.83 4.62
N GLN A 144 -9.81 -11.94 5.48
CA GLN A 144 -9.72 -10.48 5.30
C GLN A 144 -8.96 -9.88 6.47
N SER A 145 -8.13 -8.89 6.17
CA SER A 145 -7.23 -8.24 7.16
C SER A 145 -8.04 -7.42 8.16
N VAL A 146 -7.60 -7.42 9.41
CA VAL A 146 -8.21 -6.58 10.48
C VAL A 146 -8.20 -5.12 10.02
N PHE A 147 -7.20 -4.70 9.23
CA PHE A 147 -6.95 -3.27 8.91
C PHE A 147 -7.43 -2.91 7.51
N GLY A 148 -8.20 -3.78 6.84
CA GLY A 148 -8.70 -3.50 5.49
C GLY A 148 -7.99 -4.31 4.41
N GLY A 149 -8.75 -4.66 3.37
CA GLY A 149 -8.29 -5.50 2.25
C GLY A 149 -8.18 -6.95 2.68
N PRO A 150 -7.51 -7.79 1.87
CA PRO A 150 -7.36 -9.21 2.18
C PRO A 150 -6.25 -9.50 3.19
N ALA A 151 -6.30 -10.70 3.79
CA ALA A 151 -5.34 -11.22 4.79
C ALA A 151 -4.20 -12.00 4.12
N TRP A 152 -4.03 -11.90 2.81
CA TRP A 152 -2.93 -12.58 2.08
C TRP A 152 -2.30 -11.60 1.11
N THR A 153 -1.00 -11.75 0.86
CA THR A 153 -0.25 -10.90 -0.08
C THR A 153 0.71 -11.76 -0.90
N TRP A 154 0.87 -11.39 -2.15
CA TRP A 154 1.76 -12.11 -3.09
C TRP A 154 3.22 -11.86 -2.68
N ASP A 155 4.04 -12.91 -2.71
CA ASP A 155 5.51 -12.81 -2.69
C ASP A 155 6.04 -13.62 -3.85
N ALA A 156 6.53 -12.92 -4.87
CA ALA A 156 7.17 -13.51 -6.08
C ALA A 156 8.50 -14.18 -5.71
N ARG A 157 9.07 -13.88 -4.55
CA ARG A 157 10.33 -14.56 -4.16
C ARG A 157 10.01 -16.06 -4.10
N ARG A 158 8.83 -16.41 -3.60
CA ARG A 158 8.46 -17.83 -3.37
C ARG A 158 7.44 -18.27 -4.41
N GLY A 159 6.78 -17.36 -5.11
CA GLY A 159 5.63 -17.71 -5.96
C GLY A 159 4.48 -18.20 -5.10
N GLN A 160 4.22 -17.55 -3.96
CA GLN A 160 3.17 -17.94 -3.00
C GLN A 160 2.58 -16.71 -2.30
N TYR A 161 1.38 -16.87 -1.74
CA TYR A 161 0.82 -15.93 -0.76
C TYR A 161 1.37 -16.26 0.63
N TYR A 162 1.47 -15.22 1.46
CA TYR A 162 1.73 -15.30 2.91
C TYR A 162 0.62 -14.59 3.68
N LEU A 163 0.24 -15.18 4.82
CA LEU A 163 -0.93 -14.73 5.61
C LEU A 163 -0.48 -13.56 6.49
N HIS A 164 -1.39 -12.61 6.68
CA HIS A 164 -1.21 -11.49 7.63
C HIS A 164 -2.58 -11.09 8.15
N ASN A 165 -2.88 -11.36 9.42
CA ASN A 165 -4.18 -10.92 9.99
C ASN A 165 -4.22 -9.39 10.03
N PHE A 166 -3.07 -8.72 10.14
CA PHE A 166 -3.00 -7.23 10.23
C PHE A 166 -2.36 -6.70 8.93
N LEU A 167 -1.48 -5.69 8.98
CA LEU A 167 -0.94 -5.09 7.74
C LEU A 167 -0.22 -6.17 6.90
N SER A 168 0.02 -5.90 5.62
CA SER A 168 0.88 -6.76 4.77
C SER A 168 2.30 -6.80 5.37
N SER A 169 2.63 -5.82 6.21
CA SER A 169 3.94 -5.60 6.88
C SER A 169 4.04 -6.38 8.17
N GLN A 170 3.05 -7.20 8.49
CA GLN A 170 2.97 -7.95 9.77
C GLN A 170 2.61 -9.38 9.41
N PRO A 171 3.45 -10.09 8.62
CA PRO A 171 3.15 -11.46 8.23
C PRO A 171 2.96 -12.34 9.46
N GLN A 172 1.85 -13.07 9.45
CA GLN A 172 1.47 -13.97 10.57
C GLN A 172 2.58 -15.00 10.80
N LEU A 173 3.00 -15.14 12.06
CA LEU A 173 3.88 -16.25 12.47
C LEU A 173 3.07 -17.54 12.46
N ASN A 174 3.69 -18.65 12.06
CA ASN A 174 3.09 -20.00 12.09
C ASN A 174 3.41 -20.66 13.43
N LEU A 175 2.63 -20.40 14.47
CA LEU A 175 3.00 -20.94 15.80
C LEU A 175 2.65 -22.42 15.89
N HIS A 176 2.01 -22.99 14.86
CA HIS A 176 1.86 -24.45 14.71
C HIS A 176 3.25 -25.10 14.61
N ASN A 177 4.25 -24.31 14.23
CA ASN A 177 5.65 -24.75 14.02
C ASN A 177 6.40 -24.67 15.35
N ARG A 178 6.82 -25.80 15.89
CA ARG A 178 7.43 -25.89 17.24
C ARG A 178 8.77 -25.15 17.25
N GLU A 179 9.46 -24.96 16.11
CA GLU A 179 10.73 -24.19 16.08
C GLU A 179 10.44 -22.71 16.33
N ALA A 180 9.38 -22.16 15.73
CA ALA A 180 8.93 -20.77 15.97
C ALA A 180 8.51 -20.64 17.43
N GLN A 181 7.72 -21.59 17.93
CA GLN A 181 7.27 -21.58 19.34
C GLN A 181 8.51 -21.44 20.22
N GLN A 182 9.53 -22.27 19.99
CA GLN A 182 10.74 -22.28 20.84
C GLN A 182 11.40 -20.90 20.72
N ALA A 183 11.46 -20.33 19.52
CA ALA A 183 12.15 -19.04 19.28
C ALA A 183 11.47 -17.92 20.09
N VAL A 184 10.14 -17.81 20.09
CA VAL A 184 9.48 -16.66 20.79
C VAL A 184 9.61 -16.88 22.29
N LEU A 185 9.54 -18.12 22.74
CA LEU A 185 9.81 -18.44 24.17
C LEU A 185 11.22 -17.99 24.55
N ASP A 186 12.23 -18.24 23.72
CA ASP A 186 13.61 -17.77 24.00
C ASP A 186 13.64 -16.23 24.01
N VAL A 187 12.81 -15.56 23.21
CA VAL A 187 12.74 -14.07 23.28
C VAL A 187 12.21 -13.68 24.67
N MET A 188 11.10 -14.27 25.12
CA MET A 188 10.50 -13.96 26.43
C MET A 188 11.58 -14.15 27.52
N ARG A 189 12.38 -15.20 27.43
CA ARG A 189 13.44 -15.52 28.43
C ARG A 189 14.45 -14.36 28.44
N PHE A 190 14.87 -13.91 27.27
CA PHE A 190 15.77 -12.73 27.15
C PHE A 190 15.22 -11.62 28.05
N TRP A 191 13.92 -11.32 27.95
CA TRP A 191 13.33 -10.18 28.68
C TRP A 191 13.20 -10.48 30.17
N LEU A 192 12.93 -11.74 30.52
CA LEU A 192 12.82 -12.16 31.94
C LEU A 192 14.20 -12.04 32.60
N GLU A 193 15.28 -12.35 31.87
CA GLU A 193 16.67 -12.25 32.43
C GLU A 193 17.11 -10.78 32.53
N ARG A 194 16.26 -9.82 32.17
CA ARG A 194 16.59 -8.38 32.34
C ARG A 194 15.78 -7.77 33.49
N GLY A 195 15.06 -8.58 34.25
CA GLY A 195 14.41 -8.13 35.50
C GLY A 195 12.97 -7.68 35.31
N VAL A 196 12.43 -7.82 34.10
CA VAL A 196 10.99 -7.60 33.82
C VAL A 196 10.13 -8.43 34.77
N ASP A 197 8.96 -7.91 35.14
CA ASP A 197 8.03 -8.54 36.10
C ASP A 197 6.88 -9.25 35.38
N GLY A 198 6.84 -9.21 34.05
CA GLY A 198 5.84 -9.97 33.29
C GLY A 198 5.45 -9.30 32.00
N PHE A 199 4.30 -9.67 31.45
CA PHE A 199 4.01 -9.34 30.04
C PHE A 199 2.54 -9.01 29.81
N ARG A 200 2.35 -8.06 28.91
CA ARG A 200 1.10 -7.93 28.13
C ARG A 200 1.34 -8.67 26.83
N ILE A 201 0.60 -9.74 26.59
CA ILE A 201 0.77 -10.58 25.37
C ILE A 201 -0.22 -10.08 24.31
N ASP A 202 0.31 -9.56 23.20
CA ASP A 202 -0.50 -8.95 22.12
C ASP A 202 -1.39 -10.00 21.43
N ALA A 203 -2.61 -9.59 21.11
CA ALA A 203 -3.60 -10.36 20.31
C ALA A 203 -3.36 -11.87 20.37
N LEU A 204 -3.43 -12.45 21.56
CA LEU A 204 -2.94 -13.83 21.77
C LEU A 204 -3.81 -14.82 21.00
N ASN A 205 -5.10 -14.52 20.79
CA ASN A 205 -5.99 -15.44 20.05
C ASN A 205 -5.72 -15.37 18.54
N PHE A 206 -4.81 -14.52 18.09
CA PHE A 206 -4.38 -14.51 16.67
C PHE A 206 -3.10 -15.36 16.49
N ALA A 207 -2.67 -16.10 17.51
CA ALA A 207 -1.37 -16.82 17.48
C ALA A 207 -1.41 -17.90 16.40
N MET A 208 -2.59 -18.47 16.15
CA MET A 208 -2.72 -19.75 15.41
C MET A 208 -4.00 -19.78 14.56
N HIS A 209 -3.80 -20.14 13.31
CA HIS A 209 -4.85 -20.18 12.27
C HIS A 209 -5.22 -21.64 12.05
N ASP A 210 -6.21 -21.89 11.19
CA ASP A 210 -6.64 -23.24 10.76
C ASP A 210 -5.72 -23.70 9.63
N PRO A 211 -4.89 -24.76 9.84
CA PRO A 211 -4.09 -25.33 8.76
C PRO A 211 -4.88 -25.71 7.47
N GLN A 212 -6.16 -26.06 7.58
CA GLN A 212 -6.97 -26.44 6.39
C GLN A 212 -7.26 -25.21 5.52
N LEU A 213 -7.10 -23.99 6.02
CA LEU A 213 -7.34 -22.75 5.25
C LEU A 213 -8.79 -22.67 4.77
N ARG A 214 -9.75 -23.14 5.59
CA ARG A 214 -11.19 -23.09 5.26
C ARG A 214 -11.68 -21.63 5.21
N ASP A 215 -12.57 -21.36 4.27
CA ASP A 215 -13.17 -20.00 4.11
C ASP A 215 -13.96 -19.63 5.36
N ASN A 216 -13.87 -18.38 5.77
CA ASN A 216 -14.71 -17.87 6.86
C ASN A 216 -16.14 -17.77 6.34
N PRO A 217 -17.17 -17.97 7.18
CA PRO A 217 -18.56 -17.87 6.75
C PRO A 217 -19.01 -16.42 6.83
N PRO A 218 -20.07 -16.05 6.08
CA PRO A 218 -20.63 -14.70 6.15
C PRO A 218 -21.07 -14.36 7.57
N ALA A 219 -20.90 -13.11 7.98
CA ALA A 219 -21.35 -12.63 9.31
C ALA A 219 -22.84 -12.32 9.27
N PRO A 220 -23.61 -12.57 10.35
CA PRO A 220 -25.02 -12.20 10.36
C PRO A 220 -25.04 -10.68 10.35
N PRO A 221 -26.18 -10.02 10.08
CA PRO A 221 -26.20 -8.56 10.15
C PRO A 221 -26.51 -8.07 11.57
N THR A 222 -25.47 -7.97 12.41
CA THR A 222 -25.44 -7.10 13.61
C THR A 222 -25.21 -5.73 13.00
N ASP A 223 -26.26 -4.96 12.72
CA ASP A 223 -26.16 -3.73 11.90
C ASP A 223 -25.43 -2.59 12.62
N LYS A 224 -24.26 -2.84 13.19
CA LYS A 224 -23.12 -1.89 13.13
C LYS A 224 -22.80 -1.77 11.65
N GLN A 225 -22.82 -0.56 11.10
CA GLN A 225 -22.35 -0.31 9.71
C GLN A 225 -21.08 -1.14 9.46
N ARG A 226 -21.05 -1.87 8.35
CA ARG A 226 -19.85 -2.64 7.92
C ARG A 226 -18.81 -1.66 7.40
N THR A 227 -17.60 -1.71 7.93
CA THR A 227 -16.58 -0.67 7.68
C THR A 227 -15.55 -1.17 6.67
N ARG A 228 -15.37 -2.48 6.58
CA ARG A 228 -14.28 -3.11 5.82
C ARG A 228 -14.63 -4.57 5.56
N PRO A 229 -14.01 -5.20 4.55
CA PRO A 229 -14.27 -6.61 4.25
C PRO A 229 -14.28 -7.57 5.44
N PHE A 230 -13.38 -7.36 6.40
CA PHE A 230 -13.24 -8.17 7.65
C PHE A 230 -14.59 -8.27 8.38
N ASP A 231 -15.38 -7.21 8.40
CA ASP A 231 -16.64 -7.13 9.16
C ASP A 231 -17.72 -8.01 8.53
N PHE A 232 -17.55 -8.42 7.27
CA PHE A 232 -18.57 -9.26 6.57
C PHE A 232 -18.57 -10.71 7.07
N GLN A 233 -17.53 -11.15 7.78
CA GLN A 233 -17.28 -12.60 7.98
C GLN A 233 -17.00 -12.90 9.44
N LEU A 234 -17.40 -14.11 9.87
CA LEU A 234 -17.03 -14.65 11.19
C LEU A 234 -15.56 -15.07 11.11
N LYS A 235 -14.79 -14.72 12.13
CA LYS A 235 -13.35 -15.05 12.26
C LYS A 235 -13.23 -16.48 12.79
N THR A 236 -13.62 -17.43 11.95
CA THR A 236 -13.76 -18.84 12.36
C THR A 236 -12.40 -19.49 12.26
N TYR A 237 -11.74 -19.29 11.14
CA TYR A 237 -10.60 -20.13 10.68
C TYR A 237 -9.30 -19.35 10.61
N ASN A 238 -9.37 -18.02 10.45
CA ASN A 238 -8.13 -17.19 10.36
C ASN A 238 -7.40 -17.13 11.71
N GLN A 239 -8.02 -17.59 12.78
CA GLN A 239 -7.44 -17.39 14.13
C GLN A 239 -8.05 -18.42 15.08
N SER A 240 -7.77 -18.26 16.37
CA SER A 240 -8.52 -18.91 17.46
C SER A 240 -8.42 -20.43 17.35
N HIS A 241 -7.29 -20.94 16.86
CA HIS A 241 -7.14 -22.41 16.78
C HIS A 241 -7.12 -23.02 18.19
N ALA A 242 -7.71 -24.21 18.31
CA ALA A 242 -7.81 -24.98 19.56
C ALA A 242 -6.45 -25.19 20.23
N ASP A 243 -5.30 -24.99 19.55
CA ASP A 243 -4.00 -25.41 20.12
C ASP A 243 -3.31 -24.25 20.84
N ILE A 244 -3.92 -23.07 20.86
CA ILE A 244 -3.24 -21.90 21.49
C ILE A 244 -2.99 -22.15 22.98
N PRO A 245 -3.96 -22.65 23.79
CA PRO A 245 -3.71 -22.89 25.22
C PRO A 245 -2.49 -23.79 25.56
N ALA A 246 -2.27 -24.86 24.79
CA ALA A 246 -1.09 -25.75 24.94
C ALA A 246 0.19 -24.92 24.81
N PHE A 247 0.22 -23.99 23.85
CA PHE A 247 1.35 -23.06 23.69
C PHE A 247 1.47 -22.15 24.91
N ILE A 248 0.34 -21.75 25.50
CA ILE A 248 0.35 -20.74 26.60
C ILE A 248 0.94 -21.41 27.85
N GLU A 249 0.76 -22.73 27.95
CA GLU A 249 1.31 -23.57 29.04
C GLU A 249 2.82 -23.42 29.06
N ARG A 250 3.46 -23.49 27.89
CA ARG A 250 4.92 -23.33 27.79
C ARG A 250 5.28 -21.92 28.26
N ILE A 251 4.40 -20.95 28.06
CA ILE A 251 4.67 -19.56 28.52
C ILE A 251 4.67 -19.56 30.06
N ARG A 252 3.57 -20.03 30.67
CA ARG A 252 3.43 -20.09 32.14
C ARG A 252 4.55 -20.95 32.72
N ALA A 253 4.84 -22.09 32.10
CA ALA A 253 6.01 -22.92 32.47
C ALA A 253 7.26 -22.04 32.48
N LEU A 254 7.42 -21.19 31.47
CA LEU A 254 8.65 -20.34 31.40
C LEU A 254 8.60 -19.31 32.52
N THR A 255 7.45 -18.69 32.77
CA THR A 255 7.36 -17.56 33.72
C THR A 255 7.49 -18.09 35.15
N ASP A 256 6.97 -19.28 35.41
CA ASP A 256 7.20 -20.02 36.68
C ASP A 256 8.71 -20.23 36.95
N GLU A 257 9.62 -20.10 36.00
CA GLU A 257 11.09 -20.25 36.29
C GLU A 257 11.63 -18.98 36.98
N PHE A 258 10.86 -17.90 37.02
CA PHE A 258 11.28 -16.62 37.60
C PHE A 258 10.29 -16.26 38.72
N ASP A 259 10.66 -15.29 39.54
CA ASP A 259 9.90 -14.96 40.76
C ASP A 259 8.89 -13.87 40.43
N GLY A 260 7.64 -14.09 40.85
CA GLY A 260 6.56 -13.10 40.92
C GLY A 260 6.24 -12.51 39.56
N ILE A 261 6.01 -13.35 38.55
CA ILE A 261 5.76 -12.87 37.16
C ILE A 261 4.25 -12.74 36.94
N PHE A 262 3.85 -11.74 36.16
CA PHE A 262 2.42 -11.55 35.80
C PHE A 262 2.31 -11.58 34.28
N THR A 263 1.33 -12.32 33.76
CA THR A 263 1.00 -12.27 32.31
C THR A 263 -0.44 -11.82 32.14
N VAL A 264 -0.68 -10.88 31.24
CA VAL A 264 -2.06 -10.57 30.77
C VAL A 264 -2.10 -10.63 29.24
N ALA A 265 -3.09 -11.31 28.68
CA ALA A 265 -3.31 -11.37 27.20
C ALA A 265 -4.35 -10.34 26.76
N GLU A 266 -4.06 -9.65 25.65
CA GLU A 266 -5.12 -9.01 24.84
C GLU A 266 -5.82 -10.13 24.08
N VAL A 267 -7.15 -10.09 24.07
CA VAL A 267 -7.98 -11.09 23.35
C VAL A 267 -9.10 -10.36 22.61
N GLY A 268 -9.04 -10.39 21.28
CA GLY A 268 -9.90 -9.61 20.36
C GLY A 268 -11.19 -10.33 20.02
N GLY A 269 -12.09 -9.64 19.31
CA GLY A 269 -13.30 -10.23 18.72
C GLY A 269 -14.48 -10.18 19.67
N ASP A 270 -15.64 -10.65 19.20
CA ASP A 270 -16.90 -10.76 19.98
C ASP A 270 -17.07 -12.19 20.47
N ASP A 271 -16.23 -13.11 19.98
CA ASP A 271 -16.20 -14.55 20.35
C ASP A 271 -15.43 -14.72 21.66
N ALA A 272 -15.40 -13.68 22.48
CA ALA A 272 -14.25 -13.31 23.34
C ALA A 272 -14.11 -14.24 24.56
N VAL A 273 -15.13 -14.31 25.42
CA VAL A 273 -15.03 -14.91 26.79
C VAL A 273 -14.50 -16.35 26.71
N ARG A 274 -14.82 -17.13 25.69
CA ARG A 274 -14.43 -18.57 25.72
C ARG A 274 -12.90 -18.66 25.72
N GLU A 275 -12.23 -17.94 24.82
CA GLU A 275 -10.75 -17.99 24.69
C GLU A 275 -10.10 -17.27 25.89
N MET A 276 -10.78 -16.34 26.55
CA MET A 276 -10.17 -15.61 27.71
C MET A 276 -9.99 -16.62 28.85
N LYS A 277 -11.00 -17.45 29.14
CA LYS A 277 -10.98 -18.40 30.27
C LYS A 277 -10.02 -19.55 29.94
N ALA A 278 -10.08 -20.04 28.72
CA ALA A 278 -9.13 -21.05 28.18
C ALA A 278 -7.68 -20.55 28.30
N PHE A 279 -7.46 -19.25 28.12
CA PHE A 279 -6.10 -18.66 28.11
C PHE A 279 -5.63 -18.44 29.57
N THR A 280 -6.53 -18.57 30.54
CA THR A 280 -6.26 -18.15 31.94
C THR A 280 -6.59 -19.26 32.95
N GLU A 281 -6.94 -20.46 32.50
CA GLU A 281 -7.57 -21.47 33.38
C GLU A 281 -6.53 -22.02 34.35
N GLY A 282 -6.92 -22.22 35.62
CA GLY A 282 -6.05 -22.80 36.66
C GLY A 282 -4.78 -22.01 36.85
N GLU A 283 -3.65 -22.70 37.00
CA GLU A 283 -2.33 -22.07 37.20
C GLU A 283 -1.37 -22.51 36.11
N THR A 284 -1.88 -23.08 35.01
CA THR A 284 -1.02 -23.61 33.93
C THR A 284 -1.01 -22.66 32.72
N HIS A 285 -1.88 -21.66 32.70
CA HIS A 285 -1.99 -20.73 31.55
C HIS A 285 -1.55 -19.33 31.97
N LEU A 286 -2.07 -18.29 31.34
CA LEU A 286 -1.77 -16.91 31.75
C LEU A 286 -2.54 -16.60 33.02
N ASN A 287 -2.06 -15.58 33.74
CA ASN A 287 -2.78 -15.03 34.91
C ASN A 287 -4.07 -14.37 34.43
N SER A 288 -3.97 -13.37 33.57
CA SER A 288 -5.12 -12.46 33.28
C SER A 288 -5.31 -12.28 31.77
N ALA A 289 -6.43 -11.68 31.41
CA ALA A 289 -6.71 -11.27 30.01
C ALA A 289 -7.72 -10.14 30.01
N TYR A 290 -7.70 -9.33 28.96
CA TYR A 290 -8.72 -8.28 28.74
C TYR A 290 -9.29 -8.42 27.33
N GLY A 291 -10.56 -8.01 27.18
CA GLY A 291 -11.24 -8.00 25.88
C GLY A 291 -11.71 -6.60 25.54
N PHE A 292 -12.58 -6.49 24.54
CA PHE A 292 -12.94 -5.18 23.96
C PHE A 292 -14.33 -4.75 24.39
N ASN A 293 -14.86 -5.32 25.49
CA ASN A 293 -16.25 -5.06 25.95
C ASN A 293 -16.46 -3.56 26.13
N PHE A 294 -15.47 -2.88 26.68
CA PHE A 294 -15.54 -1.42 26.96
C PHE A 294 -14.82 -0.65 25.83
N LEU A 295 -13.72 -1.18 25.31
CA LEU A 295 -12.94 -0.47 24.24
C LEU A 295 -13.87 -0.13 23.06
N TYR A 296 -14.76 -1.03 22.67
CA TYR A 296 -15.62 -0.84 21.47
C TYR A 296 -17.07 -0.50 21.85
N ALA A 297 -17.34 -0.13 23.10
CA ALA A 297 -18.70 0.25 23.55
C ALA A 297 -18.98 1.71 23.21
N GLU A 298 -20.16 1.99 22.68
CA GLU A 298 -20.61 3.38 22.36
C GLU A 298 -21.03 4.08 23.65
N ALA A 299 -21.51 3.32 24.64
CA ALA A 299 -22.09 3.87 25.89
C ALA A 299 -21.74 2.98 27.10
N LEU A 300 -21.57 3.61 28.26
CA LEU A 300 -21.29 2.90 29.52
C LEU A 300 -22.62 2.65 30.22
N THR A 301 -23.13 1.42 30.15
CA THR A 301 -24.47 1.09 30.67
C THR A 301 -24.31 0.15 31.86
N PRO A 302 -25.27 0.12 32.79
CA PRO A 302 -25.23 -0.87 33.88
C PRO A 302 -25.24 -2.30 33.32
N GLN A 303 -26.10 -2.53 32.32
CA GLN A 303 -26.30 -3.87 31.69
C GLN A 303 -24.98 -4.34 31.05
N LEU A 304 -24.19 -3.42 30.49
CA LEU A 304 -22.87 -3.75 29.90
C LEU A 304 -21.89 -4.15 31.00
N VAL A 305 -21.96 -3.49 32.17
CA VAL A 305 -21.04 -3.81 33.30
C VAL A 305 -21.45 -5.15 33.93
N CYS A 306 -22.73 -5.36 34.20
CA CYS A 306 -23.21 -6.66 34.75
C CYS A 306 -23.11 -7.77 33.70
N SER A 307 -23.16 -7.46 32.41
CA SER A 307 -22.85 -8.46 31.36
C SER A 307 -21.39 -8.88 31.49
N ALA A 308 -20.49 -7.90 31.49
CA ALA A 308 -19.02 -8.11 31.47
C ALA A 308 -18.62 -8.92 32.69
N LEU A 309 -19.07 -8.50 33.87
CA LEU A 309 -18.60 -9.10 35.14
C LEU A 309 -19.16 -10.51 35.30
N ALA A 310 -20.40 -10.75 34.86
CA ALA A 310 -21.10 -12.06 34.97
C ALA A 310 -20.26 -13.15 34.29
N GLU A 311 -19.42 -12.79 33.32
CA GLU A 311 -18.63 -13.76 32.51
C GLU A 311 -17.50 -14.36 33.36
N TRP A 312 -17.25 -13.83 34.57
CA TRP A 312 -16.05 -14.16 35.37
C TRP A 312 -16.43 -14.49 36.80
N PRO A 313 -17.11 -15.63 37.03
CA PRO A 313 -17.56 -15.97 38.38
C PRO A 313 -16.33 -16.37 39.19
N GLU A 314 -16.40 -16.25 40.52
CA GLU A 314 -15.30 -16.75 41.37
C GLU A 314 -15.52 -18.26 41.51
N GLU A 315 -15.07 -19.01 40.51
CA GLU A 315 -15.04 -20.49 40.50
C GLU A 315 -13.57 -20.84 40.66
N PRO A 316 -13.19 -22.08 41.07
CA PRO A 316 -11.85 -22.29 41.61
C PRO A 316 -10.71 -22.34 40.58
N ASP A 317 -10.97 -22.64 39.30
CA ASP A 317 -9.88 -22.69 38.29
C ASP A 317 -10.06 -21.60 37.23
N LEU A 318 -10.95 -20.63 37.46
CA LEU A 318 -11.20 -19.58 36.45
C LEU A 318 -10.13 -18.50 36.58
N GLY A 319 -9.85 -17.81 35.47
CA GLY A 319 -8.87 -16.71 35.39
C GLY A 319 -9.36 -15.46 36.11
N TRP A 320 -8.48 -14.48 36.22
CA TRP A 320 -8.71 -13.16 36.83
C TRP A 320 -8.77 -12.13 35.70
N PRO A 321 -9.93 -11.50 35.44
CA PRO A 321 -10.07 -10.60 34.29
C PRO A 321 -9.35 -9.27 34.52
N SER A 322 -8.92 -8.65 33.43
CA SER A 322 -8.38 -7.26 33.41
C SER A 322 -9.35 -6.38 32.63
N TRP A 323 -9.47 -5.12 33.06
CA TRP A 323 -10.44 -4.16 32.48
C TRP A 323 -9.72 -2.95 31.89
N ALA A 324 -10.09 -2.62 30.65
CA ALA A 324 -9.60 -1.44 29.92
C ALA A 324 -10.81 -0.71 29.34
N PHE A 325 -11.06 0.51 29.80
CA PHE A 325 -12.11 1.40 29.24
C PHE A 325 -11.58 2.03 27.95
N GLU A 326 -10.32 2.44 27.96
CA GLU A 326 -9.67 3.05 26.79
C GLU A 326 -8.21 2.63 26.75
N ASN A 327 -7.62 2.69 25.56
CA ASN A 327 -6.18 2.47 25.36
C ASN A 327 -5.84 2.99 23.97
N HIS A 328 -4.67 2.64 23.49
CA HIS A 328 -4.20 3.05 22.14
C HIS A 328 -5.06 2.43 21.02
N ASP A 329 -6.05 1.57 21.29
CA ASP A 329 -6.78 0.90 20.18
C ASP A 329 -8.21 1.44 20.00
N ALA A 330 -8.62 2.43 20.78
CA ALA A 330 -10.02 2.91 20.78
C ALA A 330 -10.05 4.36 21.23
N PRO A 331 -10.99 5.17 20.72
CA PRO A 331 -11.06 6.57 21.07
C PRO A 331 -11.15 6.77 22.58
N ARG A 332 -10.53 7.84 23.06
CA ARG A 332 -10.60 8.26 24.49
C ARG A 332 -12.05 8.14 24.98
N ALA A 333 -12.29 7.41 26.06
CA ALA A 333 -13.67 7.07 26.48
C ALA A 333 -14.49 8.33 26.74
N LEU A 334 -13.91 9.40 27.24
CA LEU A 334 -14.74 10.59 27.59
C LEU A 334 -15.33 11.17 26.32
N SER A 335 -14.72 10.91 25.17
CA SER A 335 -15.25 11.34 23.85
C SER A 335 -16.31 10.36 23.36
N ARG A 336 -16.49 9.21 24.02
CA ARG A 336 -17.50 8.21 23.59
C ARG A 336 -18.74 8.28 24.50
N TRP A 337 -18.57 8.46 25.80
CA TRP A 337 -19.59 8.06 26.79
C TRP A 337 -20.33 9.26 27.36
N CYS A 338 -19.97 10.49 26.99
CA CYS A 338 -20.60 11.63 27.69
C CYS A 338 -20.37 12.95 26.97
N THR A 339 -21.36 13.82 27.10
CA THR A 339 -21.37 15.22 26.64
C THR A 339 -20.28 16.02 27.35
N PRO A 340 -19.80 17.12 26.72
CA PRO A 340 -18.88 18.03 27.40
C PRO A 340 -19.49 18.54 28.72
N GLU A 341 -20.78 18.89 28.68
CA GLU A 341 -21.53 19.34 29.88
C GLU A 341 -21.29 18.36 31.04
N ASP A 342 -21.40 17.06 30.77
CA ASP A 342 -21.39 16.00 31.82
C ASP A 342 -19.95 15.53 32.10
N ARG A 343 -18.96 16.00 31.36
CA ARG A 343 -17.63 15.34 31.30
C ARG A 343 -16.99 15.33 32.70
N GLN A 344 -17.04 16.48 33.38
CA GLN A 344 -16.32 16.68 34.65
C GLN A 344 -16.83 15.65 35.65
N ALA A 345 -18.13 15.43 35.73
CA ALA A 345 -18.71 14.59 36.78
C ALA A 345 -18.57 13.14 36.33
N PHE A 346 -18.65 12.92 35.03
CA PHE A 346 -18.64 11.56 34.46
C PHE A 346 -17.25 10.97 34.68
N ALA A 347 -16.21 11.77 34.47
CA ALA A 347 -14.80 11.33 34.51
C ALA A 347 -14.52 10.64 35.87
N ARG A 348 -15.17 11.09 36.94
CA ARG A 348 -14.91 10.59 38.31
C ARG A 348 -15.80 9.37 38.62
N LEU A 349 -17.05 9.39 38.17
CA LEU A 349 -17.88 8.17 38.15
C LEU A 349 -17.10 7.06 37.43
N LYS A 350 -16.64 7.34 36.22
CA LYS A 350 -15.99 6.32 35.36
C LYS A 350 -14.73 5.79 36.06
N THR A 351 -13.92 6.68 36.60
CA THR A 351 -12.64 6.32 37.27
C THR A 351 -12.94 5.47 38.52
N LEU A 352 -13.93 5.88 39.31
CA LEU A 352 -14.30 5.16 40.56
C LEU A 352 -14.84 3.78 40.20
N LEU A 353 -15.62 3.71 39.11
CA LEU A 353 -16.21 2.44 38.62
C LEU A 353 -15.09 1.48 38.19
N LEU A 354 -14.09 1.94 37.44
CA LEU A 354 -12.94 1.10 36.98
C LEU A 354 -12.28 0.48 38.21
N MET A 355 -12.17 1.26 39.29
CA MET A 355 -11.49 0.82 40.52
C MET A 355 -12.42 -0.08 41.35
N SER A 356 -13.71 -0.12 41.07
CA SER A 356 -14.69 -0.92 41.87
C SER A 356 -14.97 -2.26 41.19
N LEU A 357 -14.52 -2.45 39.94
CA LEU A 357 -14.76 -3.72 39.22
C LEU A 357 -13.83 -4.80 39.77
N ARG A 358 -14.37 -6.01 39.93
CA ARG A 358 -13.58 -7.20 40.31
C ARG A 358 -12.64 -7.51 39.15
N GLY A 359 -11.34 -7.41 39.40
CA GLY A 359 -10.29 -7.63 38.38
C GLY A 359 -9.20 -6.58 38.46
N ASN A 360 -8.36 -6.50 37.44
CA ASN A 360 -7.26 -5.51 37.42
C ASN A 360 -7.73 -4.27 36.68
N ALA A 361 -7.29 -3.10 37.14
CA ALA A 361 -7.58 -1.83 36.45
C ALA A 361 -6.42 -1.59 35.48
N ILE A 362 -6.72 -1.54 34.19
CA ILE A 362 -5.75 -1.08 33.18
C ILE A 362 -6.03 0.40 32.91
N LEU A 363 -5.28 1.25 33.60
CA LEU A 363 -5.27 2.70 33.42
C LEU A 363 -4.30 3.04 32.28
N TYR A 364 -4.78 3.80 31.31
CA TYR A 364 -4.01 4.20 30.12
C TYR A 364 -3.47 5.61 30.36
N TYR A 365 -2.31 5.94 29.81
CA TYR A 365 -1.66 7.24 30.07
C TYR A 365 -2.67 8.33 29.68
N GLY A 366 -2.83 9.31 30.55
CA GLY A 366 -3.74 10.44 30.31
C GLY A 366 -5.13 10.21 30.87
N GLU A 367 -5.49 8.97 31.22
CA GLU A 367 -6.85 8.62 31.70
C GLU A 367 -7.09 9.26 33.08
N GLU A 368 -6.04 9.37 33.89
CA GLU A 368 -6.08 10.04 35.22
C GLU A 368 -6.24 11.57 35.10
N LEU A 369 -6.09 12.15 33.91
CA LEU A 369 -6.25 13.63 33.67
C LEU A 369 -7.55 13.92 32.91
N GLY A 370 -8.21 12.90 32.35
CA GLY A 370 -9.45 13.06 31.59
C GLY A 370 -9.18 13.60 30.20
N LEU A 371 -8.14 13.09 29.55
CA LEU A 371 -7.77 13.54 28.17
C LEU A 371 -8.88 13.14 27.21
N THR A 372 -9.20 14.00 26.25
CA THR A 372 -10.27 13.70 25.27
C THR A 372 -9.66 13.34 23.91
N GLN A 373 -10.47 12.68 23.08
CA GLN A 373 -10.07 12.32 21.70
C GLN A 373 -9.73 13.62 20.96
N VAL A 374 -8.57 13.63 20.32
CA VAL A 374 -8.22 14.69 19.33
C VAL A 374 -8.68 14.19 17.97
N ASP A 375 -9.42 15.01 17.25
CA ASP A 375 -9.92 14.63 15.91
C ASP A 375 -8.73 14.79 14.96
N ILE A 376 -8.41 13.76 14.20
CA ILE A 376 -7.24 13.82 13.28
C ILE A 376 -7.75 13.89 11.85
N PRO A 377 -7.44 14.97 11.09
CA PRO A 377 -7.83 15.06 9.69
C PRO A 377 -7.23 13.92 8.85
N PHE A 378 -7.81 13.70 7.67
CA PHE A 378 -7.34 12.70 6.67
C PHE A 378 -5.92 13.02 6.19
N ASP A 379 -5.60 14.30 5.94
CA ASP A 379 -4.23 14.74 5.57
C ASP A 379 -3.22 14.32 6.65
N GLN A 380 -3.66 14.24 7.90
CA GLN A 380 -2.75 14.20 9.07
C GLN A 380 -2.68 12.79 9.66
N LEU A 381 -3.32 11.81 9.01
CA LEU A 381 -3.35 10.42 9.51
C LEU A 381 -1.92 9.86 9.59
N HIS A 382 -1.73 8.94 10.52
CA HIS A 382 -0.55 8.05 10.59
C HIS A 382 -0.96 6.59 10.46
N ASP A 383 -2.11 6.22 11.03
CA ASP A 383 -2.50 4.80 11.14
C ASP A 383 -2.97 4.32 9.77
N PRO A 384 -2.25 3.39 9.11
CA PRO A 384 -2.64 2.93 7.78
C PRO A 384 -4.10 2.51 7.68
N GLU A 385 -4.59 1.83 8.72
CA GLU A 385 -5.99 1.35 8.86
C GLU A 385 -6.98 2.46 8.48
N ALA A 386 -6.80 3.66 9.01
CA ALA A 386 -7.72 4.80 8.81
C ALA A 386 -7.71 5.27 7.35
N ILE A 387 -6.53 5.40 6.75
CA ILE A 387 -6.42 5.85 5.33
C ILE A 387 -7.18 4.85 4.47
N ALA A 388 -7.02 3.56 4.76
CA ALA A 388 -7.62 2.49 3.93
C ALA A 388 -9.14 2.55 4.06
N ASN A 389 -9.64 2.79 5.27
CA ASN A 389 -11.06 2.51 5.59
C ASN A 389 -11.82 3.79 5.93
N TRP A 390 -11.28 4.96 5.58
CA TRP A 390 -11.96 6.27 5.80
C TRP A 390 -13.30 6.27 5.08
N PRO A 391 -14.39 6.84 5.66
CA PRO A 391 -14.35 7.49 6.96
C PRO A 391 -14.61 6.58 8.17
N LEU A 392 -14.67 5.26 7.94
CA LEU A 392 -15.15 4.29 8.96
C LEU A 392 -13.93 3.62 9.58
N THR A 393 -13.20 4.39 10.37
CA THR A 393 -11.88 4.01 10.89
C THR A 393 -12.02 3.47 12.32
N LEU A 394 -10.89 3.13 12.92
CA LEU A 394 -10.81 2.70 14.34
C LEU A 394 -10.45 3.90 15.22
N SER A 395 -10.02 5.03 14.63
CA SER A 395 -9.77 6.30 15.35
C SER A 395 -8.69 6.14 16.43
N ARG A 396 -7.56 5.52 16.10
CA ARG A 396 -6.52 5.18 17.09
C ARG A 396 -5.55 6.36 17.20
N ASP A 397 -5.30 7.07 16.09
CA ASP A 397 -4.34 8.22 16.08
C ASP A 397 -4.76 9.24 17.14
N GLY A 398 -6.02 9.64 17.13
CA GLY A 398 -6.57 10.62 18.08
C GLY A 398 -6.52 10.14 19.51
N ALA A 399 -6.15 8.89 19.77
CA ALA A 399 -6.12 8.29 21.12
C ALA A 399 -4.70 8.32 21.67
N ARG A 400 -3.72 8.71 20.85
CA ARG A 400 -2.27 8.44 21.04
C ARG A 400 -1.52 9.78 21.22
N THR A 401 -2.19 10.81 21.71
CA THR A 401 -1.68 12.22 21.69
C THR A 401 -0.62 12.36 22.79
N PRO A 402 0.32 13.32 22.65
CA PRO A 402 1.35 13.50 23.67
C PRO A 402 0.72 13.75 25.05
N MET A 403 1.28 13.11 26.04
CA MET A 403 0.95 13.34 27.47
C MET A 403 1.27 14.79 27.84
N PRO A 404 0.31 15.61 28.32
CA PRO A 404 0.61 16.96 28.80
C PRO A 404 1.08 17.09 30.26
N TRP A 405 2.33 17.44 30.46
CA TRP A 405 2.96 17.54 31.79
C TRP A 405 2.78 18.91 32.45
N ASP A 406 3.04 20.01 31.74
CA ASP A 406 2.74 21.37 32.24
C ASP A 406 2.00 22.14 31.14
N ASP A 407 1.81 23.45 31.31
CA ASP A 407 1.07 24.32 30.36
C ASP A 407 2.04 25.16 29.55
N SER A 408 3.28 24.70 29.40
CA SER A 408 4.32 25.34 28.55
C SER A 408 3.89 25.24 27.08
N GLU A 409 4.68 25.82 26.19
CA GLU A 409 4.46 25.80 24.71
C GLU A 409 4.36 24.33 24.25
N CYS A 410 5.34 23.51 24.59
CA CYS A 410 5.35 22.06 24.24
C CYS A 410 4.56 21.26 25.29
N ALA A 411 3.88 21.94 26.21
CA ALA A 411 3.17 21.27 27.35
C ALA A 411 4.12 20.36 28.13
N GLY A 412 5.44 20.54 28.02
CA GLY A 412 6.45 19.73 28.74
C GLY A 412 6.60 18.34 28.15
N PHE A 413 6.07 18.08 26.95
CA PHE A 413 6.29 16.76 26.28
C PHE A 413 7.75 16.70 25.82
N GLY A 414 8.27 17.84 25.34
CA GLY A 414 9.69 18.04 25.01
C GLY A 414 9.88 18.52 23.59
N SER A 415 8.83 19.00 22.94
CA SER A 415 8.85 19.29 21.48
C SER A 415 7.69 20.22 21.11
N THR A 416 8.01 21.40 20.57
CA THR A 416 7.03 22.31 19.92
C THR A 416 6.56 21.70 18.59
N ALA A 417 7.18 20.62 18.11
CA ALA A 417 6.81 19.91 16.86
C ALA A 417 6.57 18.44 17.14
N PRO A 418 5.56 18.09 17.97
CA PRO A 418 5.36 16.70 18.34
C PRO A 418 4.79 15.89 17.16
N TRP A 419 4.90 14.57 17.25
CA TRP A 419 4.56 13.65 16.12
C TRP A 419 3.05 13.68 15.89
N LEU A 420 2.27 13.80 16.96
CA LEU A 420 0.84 14.13 16.93
C LEU A 420 0.60 15.35 17.81
N PRO A 421 -0.50 16.10 17.59
CA PRO A 421 -0.82 17.26 18.40
C PRO A 421 -1.38 16.92 19.79
N VAL A 422 -1.13 17.81 20.74
CA VAL A 422 -1.61 17.69 22.14
C VAL A 422 -3.14 17.77 22.18
N GLY A 423 -3.73 18.62 21.35
CA GLY A 423 -5.17 18.95 21.42
C GLY A 423 -5.40 20.17 22.30
N ASP A 424 -6.08 21.19 21.78
CA ASP A 424 -6.35 22.42 22.55
C ASP A 424 -7.13 22.07 23.83
N ASP A 425 -8.02 21.08 23.78
CA ASP A 425 -8.85 20.73 24.96
C ASP A 425 -8.01 19.94 25.99
N ASN A 426 -6.88 19.37 25.62
CA ASN A 426 -6.09 18.61 26.62
C ASN A 426 -5.06 19.53 27.27
N ARG A 427 -4.70 20.64 26.64
CA ARG A 427 -3.63 21.53 27.17
C ARG A 427 -3.96 21.99 28.59
N PRO A 428 -5.17 22.51 28.90
CA PRO A 428 -5.50 22.90 30.28
C PRO A 428 -5.49 21.73 31.28
N ARG A 429 -5.42 20.48 30.81
CA ARG A 429 -5.55 19.28 31.68
C ARG A 429 -4.16 18.76 32.10
N SER A 430 -3.12 19.56 31.95
CA SER A 430 -1.74 19.08 32.18
C SER A 430 -1.56 18.68 33.66
N VAL A 431 -0.60 17.77 33.89
CA VAL A 431 -0.30 17.18 35.22
C VAL A 431 0.03 18.33 36.18
N ALA A 432 0.85 19.29 35.75
CA ALA A 432 1.15 20.49 36.58
C ALA A 432 -0.18 21.16 36.99
N ALA A 433 -1.04 21.48 36.04
CA ALA A 433 -2.25 22.29 36.32
C ALA A 433 -3.12 21.50 37.31
N GLN A 434 -3.20 20.19 37.12
CA GLN A 434 -4.01 19.28 37.96
C GLN A 434 -3.36 19.11 39.35
N LEU A 435 -2.05 19.32 39.49
CA LEU A 435 -1.37 19.30 40.82
C LEU A 435 -1.65 20.60 41.59
N GLY A 436 -2.07 21.67 40.90
CA GLY A 436 -2.48 22.95 41.52
C GLY A 436 -3.96 22.95 41.89
N ASP A 437 -4.74 22.14 41.17
CA ASP A 437 -6.22 22.08 41.27
C ASP A 437 -6.58 20.96 42.26
N ALA A 438 -7.22 21.30 43.37
CA ALA A 438 -7.45 20.38 44.51
C ALA A 438 -8.58 19.41 44.16
N ASN A 439 -9.49 19.79 43.27
CA ASN A 439 -10.58 18.89 42.82
C ASN A 439 -10.23 18.27 41.45
N SER A 440 -8.95 18.23 41.09
CA SER A 440 -8.50 17.68 39.79
C SER A 440 -8.84 16.18 39.71
N LEU A 441 -8.95 15.66 38.49
CA LEU A 441 -9.16 14.21 38.23
C LEU A 441 -7.87 13.46 38.60
N LEU A 442 -6.70 14.07 38.37
CA LEU A 442 -5.42 13.52 38.89
C LEU A 442 -5.56 13.22 40.39
N LYS A 443 -6.02 14.18 41.20
CA LYS A 443 -6.14 13.95 42.66
C LYS A 443 -7.27 12.95 42.92
N PHE A 444 -8.36 12.99 42.17
CA PHE A 444 -9.44 12.01 42.40
C PHE A 444 -8.94 10.59 42.09
N THR A 445 -8.21 10.40 41.00
CA THR A 445 -7.75 9.05 40.59
C THR A 445 -6.84 8.48 41.69
N ARG A 446 -5.93 9.29 42.23
CA ARG A 446 -5.10 8.93 43.41
C ARG A 446 -6.01 8.35 44.50
N GLN A 447 -7.08 9.08 44.82
CA GLN A 447 -8.02 8.74 45.92
C GLN A 447 -8.74 7.43 45.56
N ALA A 448 -9.25 7.33 44.33
CA ALA A 448 -9.90 6.07 43.91
C ALA A 448 -8.89 4.92 44.07
N ILE A 449 -7.63 5.10 43.64
CA ILE A 449 -6.59 4.03 43.66
C ILE A 449 -6.29 3.66 45.11
N ALA A 450 -6.16 4.65 46.00
CA ALA A 450 -5.92 4.45 47.45
C ALA A 450 -7.10 3.69 48.07
N LEU A 451 -8.35 3.96 47.64
CA LEU A 451 -9.54 3.36 48.30
C LEU A 451 -9.66 1.90 47.88
N ARG A 452 -9.35 1.58 46.63
CA ARG A 452 -9.25 0.18 46.17
C ARG A 452 -8.17 -0.52 46.99
N LYS A 453 -6.98 0.05 47.04
CA LYS A 453 -5.80 -0.59 47.70
C LYS A 453 -6.16 -0.95 49.15
N ALA A 454 -6.72 -0.02 49.92
CA ALA A 454 -6.91 -0.18 51.38
C ALA A 454 -8.17 -1.01 51.71
N ASN A 455 -9.06 -1.28 50.74
CA ASN A 455 -10.35 -1.96 51.05
C ASN A 455 -10.37 -3.31 50.37
N PRO A 456 -10.27 -4.44 51.11
CA PRO A 456 -10.11 -5.75 50.46
C PRO A 456 -11.32 -6.20 49.62
N ALA A 457 -12.51 -5.65 49.86
CA ALA A 457 -13.72 -5.94 49.04
C ALA A 457 -13.59 -5.25 47.67
N LEU A 458 -13.06 -4.04 47.60
CA LEU A 458 -12.78 -3.36 46.31
C LEU A 458 -11.56 -4.02 45.66
N HIS A 459 -10.50 -4.23 46.42
CA HIS A 459 -9.20 -4.72 45.89
C HIS A 459 -9.37 -6.09 45.22
N HIS A 460 -10.20 -6.99 45.76
CA HIS A 460 -10.25 -8.39 45.25
C HIS A 460 -11.62 -9.04 45.47
N GLY A 461 -12.50 -8.47 46.30
CA GLY A 461 -13.72 -9.13 46.79
C GLY A 461 -14.51 -9.82 45.67
N HIS A 462 -15.32 -10.81 46.06
CA HIS A 462 -16.30 -11.50 45.19
C HIS A 462 -17.36 -10.49 44.75
N VAL A 463 -17.90 -10.66 43.56
CA VAL A 463 -19.14 -9.92 43.17
C VAL A 463 -20.31 -10.79 43.63
N VAL A 464 -20.92 -10.46 44.76
CA VAL A 464 -22.02 -11.28 45.32
C VAL A 464 -23.34 -10.86 44.65
N GLU A 465 -23.45 -9.62 44.18
CA GLU A 465 -24.60 -9.14 43.37
C GLU A 465 -24.15 -8.09 42.35
N CYS A 466 -24.75 -8.12 41.16
CA CYS A 466 -24.68 -7.03 40.16
C CYS A 466 -26.11 -6.72 39.71
N ASN A 467 -26.64 -5.57 40.11
CA ASN A 467 -28.05 -5.20 39.88
C ASN A 467 -28.12 -4.00 38.93
N HIS A 468 -28.94 -4.11 37.89
CA HIS A 468 -29.07 -3.10 36.83
C HIS A 468 -30.54 -2.74 36.72
N ASP A 469 -30.84 -1.45 36.75
CA ASP A 469 -32.21 -0.92 36.59
C ASP A 469 -32.12 0.46 35.95
N GLY A 470 -32.37 0.53 34.64
CA GLY A 470 -32.15 1.75 33.84
C GLY A 470 -30.72 2.21 33.97
N ASP A 471 -30.50 3.39 34.55
CA ASP A 471 -29.15 4.03 34.63
C ASP A 471 -28.42 3.65 35.92
N LEU A 472 -29.09 2.98 36.86
CA LEU A 472 -28.49 2.63 38.17
C LEU A 472 -27.76 1.29 38.04
N LEU A 473 -26.51 1.27 38.50
CA LEU A 473 -25.75 0.03 38.73
C LEU A 473 -25.48 -0.09 40.23
N GLU A 474 -25.57 -1.30 40.74
CA GLU A 474 -25.16 -1.60 42.13
C GLU A 474 -24.24 -2.82 42.09
N LEU A 475 -23.02 -2.66 42.59
CA LEU A 475 -22.08 -3.80 42.83
C LEU A 475 -22.10 -4.06 44.35
N VAL A 476 -22.49 -5.26 44.74
CA VAL A 476 -22.18 -5.77 46.11
C VAL A 476 -20.98 -6.70 46.00
N ARG A 477 -19.87 -6.29 46.59
CA ARG A 477 -18.64 -7.12 46.69
C ARG A 477 -18.33 -7.38 48.17
N GLU A 478 -17.39 -8.27 48.44
CA GLU A 478 -17.21 -8.90 49.77
C GLU A 478 -15.92 -9.72 49.84
N ALA A 479 -15.10 -9.46 50.86
CA ALA A 479 -13.90 -10.26 51.22
C ALA A 479 -13.41 -9.83 52.61
N GLY A 480 -12.57 -10.65 53.23
CA GLY A 480 -11.95 -10.38 54.55
C GLY A 480 -12.88 -9.62 55.49
N GLY A 481 -14.04 -10.19 55.82
CA GLY A 481 -15.05 -9.64 56.75
C GLY A 481 -15.82 -8.45 56.18
N GLN A 482 -15.37 -7.87 55.06
CA GLN A 482 -15.93 -6.60 54.52
C GLN A 482 -17.04 -6.90 53.49
N ARG A 483 -18.11 -6.11 53.53
CA ARG A 483 -19.19 -6.14 52.53
C ARG A 483 -19.49 -4.72 52.07
N LEU A 484 -19.19 -4.42 50.81
CA LEU A 484 -19.38 -3.08 50.22
C LEU A 484 -20.57 -3.09 49.26
N ARG A 485 -21.33 -2.00 49.30
CA ARG A 485 -22.41 -1.72 48.33
C ARG A 485 -21.98 -0.53 47.50
N CYS A 486 -21.72 -0.76 46.22
CA CYS A 486 -21.20 0.23 45.27
C CYS A 486 -22.34 0.63 44.31
N ARG A 487 -22.86 1.85 44.45
CA ARG A 487 -24.02 2.33 43.66
C ARG A 487 -23.54 3.40 42.69
N PHE A 488 -23.92 3.29 41.43
CA PHE A 488 -23.45 4.19 40.36
C PHE A 488 -24.66 4.60 39.56
N ASN A 489 -24.71 5.89 39.23
CA ASN A 489 -25.75 6.49 38.36
C ASN A 489 -25.06 6.84 37.05
N LEU A 490 -25.27 6.05 36.01
CA LEU A 490 -24.61 6.29 34.71
C LEU A 490 -25.42 7.30 33.89
N GLY A 491 -26.37 7.99 34.55
CA GLY A 491 -27.37 8.83 33.87
C GLY A 491 -27.49 10.21 34.48
N SER A 492 -28.21 11.08 33.78
CA SER A 492 -28.43 12.51 34.14
C SER A 492 -29.76 12.67 34.88
N LYS A 493 -30.40 11.56 35.26
CA LYS A 493 -31.65 11.63 36.05
C LYS A 493 -31.31 11.28 37.48
N PRO A 494 -31.58 12.20 38.43
CA PRO A 494 -31.44 11.90 39.85
C PRO A 494 -32.21 10.62 40.18
N VAL A 495 -31.55 9.63 40.79
CA VAL A 495 -32.19 8.34 41.16
C VAL A 495 -32.18 8.20 42.68
N GLU A 496 -33.26 7.61 43.21
CA GLU A 496 -33.50 7.41 44.66
C GLU A 496 -33.25 5.94 45.01
N CYS A 497 -32.23 5.68 45.83
CA CYS A 497 -31.93 4.34 46.38
C CYS A 497 -32.67 4.14 47.72
N ASP A 499 -32.42 2.69 50.91
CA ASP A 499 -32.56 1.57 51.89
C ASP A 499 -31.17 1.03 52.23
N CYS A 500 -30.24 1.88 52.66
CA CYS A 500 -28.80 1.54 52.76
C CYS A 500 -28.48 0.94 54.13
N GLU A 501 -28.45 1.77 55.18
CA GLU A 501 -28.14 1.40 56.58
C GLU A 501 -26.67 1.01 56.74
N GLY A 502 -25.74 1.88 56.34
CA GLY A 502 -24.29 1.60 56.38
C GLY A 502 -23.44 2.86 56.48
N ARG A 503 -22.12 2.70 56.31
CA ARG A 503 -21.16 3.81 56.39
C ARG A 503 -20.61 4.12 54.99
N THR A 504 -20.73 5.38 54.57
CA THR A 504 -20.16 5.93 53.32
C THR A 504 -18.63 5.86 53.38
N LEU A 505 -18.01 5.03 52.53
CA LEU A 505 -16.52 5.06 52.39
C LEU A 505 -16.18 6.23 51.49
N LEU A 506 -16.94 6.39 50.41
CA LEU A 506 -16.71 7.45 49.40
C LEU A 506 -18.04 7.85 48.75
N ALA A 507 -18.28 9.16 48.60
CA ALA A 507 -19.45 9.74 47.90
C ALA A 507 -18.97 10.86 46.98
N ILE A 508 -19.45 10.88 45.73
CA ILE A 508 -18.99 11.84 44.70
C ILE A 508 -20.21 12.46 44.03
N ASN A 509 -20.01 13.61 43.38
CA ASN A 509 -21.06 14.29 42.57
C ASN A 509 -22.34 14.41 43.40
N GLY A 510 -22.19 14.67 44.70
CA GLY A 510 -23.30 14.95 45.64
C GLY A 510 -24.11 13.70 45.95
N ALA A 511 -23.50 12.51 45.84
CA ALA A 511 -24.17 11.23 46.16
C ALA A 511 -24.52 11.22 47.65
N GLU A 512 -25.70 10.72 47.99
CA GLU A 512 -26.09 10.51 49.40
C GLU A 512 -26.50 9.05 49.58
N PRO A 513 -26.48 8.54 50.84
CA PRO A 513 -26.85 7.15 51.11
C PRO A 513 -28.19 6.73 50.49
N THR A 514 -29.09 7.67 50.20
CA THR A 514 -30.46 7.35 49.74
C THR A 514 -30.75 7.92 48.35
N ALA A 515 -29.98 8.91 47.89
CA ALA A 515 -30.25 9.61 46.61
C ALA A 515 -28.96 9.70 45.80
N LEU A 516 -29.09 9.60 44.47
CA LEU A 516 -27.93 9.78 43.55
C LEU A 516 -28.35 10.80 42.50
N PRO A 517 -27.88 12.06 42.60
CA PRO A 517 -28.01 13.02 41.51
C PRO A 517 -27.30 12.54 40.24
N PRO A 518 -27.42 13.27 39.09
CA PRO A 518 -26.72 12.88 37.86
C PRO A 518 -25.23 12.51 38.02
N PHE A 519 -24.87 11.30 37.60
CA PHE A 519 -23.45 10.82 37.51
C PHE A 519 -22.82 10.77 38.90
N ALA A 520 -23.65 10.57 39.93
CA ALA A 520 -23.22 10.40 41.32
C ALA A 520 -23.05 8.90 41.61
N ALA A 521 -22.13 8.62 42.52
CA ALA A 521 -21.84 7.26 42.98
C ALA A 521 -21.46 7.32 44.45
N ILE A 522 -21.67 6.21 45.16
CA ILE A 522 -21.32 6.08 46.60
C ILE A 522 -20.92 4.63 46.88
N ILE A 523 -19.91 4.49 47.74
CA ILE A 523 -19.48 3.17 48.27
C ILE A 523 -19.95 3.11 49.72
N LEU A 524 -20.86 2.18 50.01
CA LEU A 524 -21.39 1.94 51.38
C LEU A 524 -20.70 0.69 51.94
N GLU A 525 -20.28 0.75 53.20
CA GLU A 525 -19.81 -0.45 53.93
C GLU A 525 -20.92 -0.90 54.88
N LEU B 5 0.62 7.43 -48.51
CA LEU B 5 0.09 8.70 -49.03
C LEU B 5 -0.16 9.70 -47.89
N PRO B 6 -0.92 9.42 -46.80
CA PRO B 6 -1.02 10.37 -45.68
C PRO B 6 0.25 10.42 -44.82
N TRP B 7 0.51 11.54 -44.16
CA TRP B 7 1.84 11.84 -43.56
C TRP B 7 2.34 10.74 -42.60
N TRP B 8 1.44 9.98 -41.99
CA TRP B 8 1.78 9.04 -40.88
C TRP B 8 2.07 7.64 -41.43
N LYS B 9 1.81 7.38 -42.70
CA LYS B 9 2.02 6.04 -43.29
C LYS B 9 3.51 5.91 -43.60
N GLY B 10 4.23 5.18 -42.76
CA GLY B 10 5.68 4.96 -42.90
C GLY B 10 6.48 5.87 -42.00
N ALA B 11 5.84 6.69 -41.19
CA ALA B 11 6.53 7.73 -40.40
C ALA B 11 7.41 7.09 -39.31
N VAL B 12 8.42 7.83 -38.88
CA VAL B 12 9.24 7.52 -37.69
C VAL B 12 8.76 8.46 -36.59
N ILE B 13 8.39 7.89 -35.44
CA ILE B 13 7.92 8.69 -34.29
C ILE B 13 8.96 8.57 -33.17
N TYR B 14 9.24 9.68 -32.51
CA TYR B 14 10.24 9.76 -31.42
C TYR B 14 9.49 9.93 -30.09
N GLN B 15 9.52 8.89 -29.25
CA GLN B 15 8.82 8.91 -27.95
C GLN B 15 9.68 9.67 -26.94
N ILE B 16 9.18 10.84 -26.55
CA ILE B 16 9.73 11.64 -25.43
C ILE B 16 9.06 11.14 -24.15
N TYR B 17 9.85 10.81 -23.13
CA TYR B 17 9.40 10.54 -21.74
C TYR B 17 9.81 11.75 -20.90
N PRO B 18 8.85 12.66 -20.64
CA PRO B 18 9.18 14.02 -20.23
C PRO B 18 9.88 14.16 -18.87
N ARG B 19 9.71 13.19 -17.95
CA ARG B 19 10.48 13.19 -16.68
C ARG B 19 11.97 12.99 -16.98
N SER B 20 12.32 12.43 -18.13
CA SER B 20 13.70 11.95 -18.38
C SER B 20 14.31 12.66 -19.59
N PHE B 21 13.70 13.70 -20.12
CA PHE B 21 14.23 14.25 -21.39
C PHE B 21 15.19 15.40 -21.13
N MET B 22 14.74 16.43 -20.43
CA MET B 22 15.59 17.62 -20.17
C MET B 22 15.01 18.44 -19.03
N ASP B 23 15.77 18.60 -17.95
CA ASP B 23 15.37 19.37 -16.76
C ASP B 23 15.90 20.79 -16.92
N SER B 24 15.03 21.79 -16.90
CA SER B 24 15.39 23.19 -17.20
C SER B 24 15.40 24.03 -15.92
N ASN B 25 15.00 23.49 -14.77
CA ASN B 25 14.99 24.25 -13.48
C ASN B 25 15.72 23.48 -12.36
N GLY B 26 16.44 22.42 -12.69
CA GLY B 26 17.40 21.78 -11.76
C GLY B 26 16.75 20.90 -10.70
N ASP B 27 15.44 20.66 -10.74
CA ASP B 27 14.76 19.80 -9.71
C ASP B 27 14.97 18.31 -10.01
N GLY B 28 15.72 17.95 -11.05
CA GLY B 28 16.07 16.55 -11.33
C GLY B 28 14.97 15.85 -12.12
N ILE B 29 13.93 16.58 -12.53
CA ILE B 29 12.83 16.01 -13.35
C ILE B 29 12.75 16.80 -14.64
N GLY B 30 12.62 16.10 -15.75
CA GLY B 30 12.40 16.71 -17.07
C GLY B 30 11.13 17.52 -17.06
N ASP B 31 11.04 18.51 -17.94
CA ASP B 31 9.85 19.41 -17.98
C ASP B 31 9.69 19.97 -19.40
N LEU B 32 8.62 20.72 -19.62
CA LEU B 32 8.18 21.13 -20.98
C LEU B 32 9.13 22.17 -21.59
N PRO B 33 9.64 23.20 -20.88
CA PRO B 33 10.68 24.06 -21.44
C PRO B 33 11.98 23.28 -21.72
N GLY B 34 12.25 22.25 -20.93
CA GLY B 34 13.37 21.33 -21.19
C GLY B 34 13.16 20.62 -22.51
N ILE B 35 11.96 20.10 -22.75
CA ILE B 35 11.64 19.45 -24.04
C ILE B 35 11.84 20.47 -25.16
N ALA B 36 11.26 21.66 -25.04
CA ALA B 36 11.26 22.68 -26.12
C ALA B 36 12.71 23.07 -26.45
N GLN B 37 13.63 23.05 -25.48
CA GLN B 37 15.05 23.41 -25.72
C GLN B 37 15.71 22.37 -26.62
N ARG B 38 15.36 21.10 -26.48
CA ARG B 38 16.11 19.99 -27.13
C ARG B 38 15.45 19.54 -28.44
N LEU B 39 14.27 20.07 -28.79
CA LEU B 39 13.49 19.60 -29.96
C LEU B 39 14.37 19.51 -31.21
N PRO B 40 15.25 20.51 -31.52
CA PRO B 40 16.03 20.46 -32.76
C PRO B 40 16.82 19.16 -32.93
N HIS B 41 17.24 18.55 -31.82
CA HIS B 41 17.93 17.24 -31.82
C HIS B 41 17.09 16.20 -32.56
N ILE B 42 15.76 16.26 -32.44
CA ILE B 42 14.85 15.21 -32.96
C ILE B 42 14.57 15.52 -34.42
N ALA B 43 14.25 16.77 -34.74
CA ALA B 43 14.10 17.26 -36.13
C ALA B 43 15.35 16.88 -36.94
N GLU B 44 16.53 17.05 -36.36
CA GLU B 44 17.82 16.78 -37.05
C GLU B 44 18.04 15.27 -37.20
N LEU B 45 17.54 14.49 -36.23
CA LEU B 45 17.54 13.02 -36.34
C LEU B 45 16.75 12.61 -37.59
N GLY B 46 15.71 13.36 -37.96
CA GLY B 46 14.88 13.08 -39.15
C GLY B 46 13.55 12.44 -38.79
N ALA B 47 13.22 12.39 -37.49
CA ALA B 47 11.91 11.90 -36.98
C ALA B 47 10.77 12.75 -37.58
N ASP B 48 9.65 12.11 -37.95
CA ASP B 48 8.48 12.83 -38.50
C ASP B 48 7.69 13.52 -37.38
N ALA B 49 7.76 13.00 -36.15
CA ALA B 49 6.86 13.47 -35.06
C ALA B 49 7.38 13.05 -33.69
N ILE B 50 7.01 13.81 -32.65
CA ILE B 50 7.26 13.39 -31.24
C ILE B 50 5.96 12.79 -30.72
N TRP B 51 6.06 11.83 -29.80
CA TRP B 51 4.94 11.44 -28.91
C TRP B 51 5.36 11.76 -27.50
N ILE B 52 4.70 12.73 -26.89
CA ILE B 52 5.02 13.07 -25.49
C ILE B 52 4.18 12.19 -24.58
N SER B 53 4.83 11.48 -23.67
CA SER B 53 4.19 10.65 -22.61
C SER B 53 3.52 11.59 -21.62
N PRO B 54 2.64 11.07 -20.74
CA PRO B 54 1.76 11.92 -19.96
C PRO B 54 2.49 13.03 -19.19
N PHE B 55 1.96 14.24 -19.36
CA PHE B 55 2.49 15.48 -18.74
C PHE B 55 1.36 16.23 -18.06
N PHE B 56 0.21 15.57 -17.86
CA PHE B 56 -0.99 16.18 -17.23
C PHE B 56 -0.87 16.07 -15.72
N LYS B 57 -1.74 16.75 -14.99
CA LYS B 57 -1.73 16.79 -13.51
C LYS B 57 -1.91 15.35 -13.00
N SER B 58 -1.01 14.94 -12.11
CA SER B 58 -0.93 13.54 -11.62
C SER B 58 -0.16 13.51 -10.33
N PRO B 59 -0.57 12.74 -9.30
CA PRO B 59 0.33 12.45 -8.19
C PRO B 59 1.45 11.45 -8.55
N MET B 60 1.51 11.01 -9.81
CA MET B 60 2.70 10.29 -10.37
C MET B 60 2.82 8.91 -9.70
N LYS B 61 1.76 8.38 -9.12
CA LYS B 61 1.76 6.97 -8.62
C LYS B 61 2.26 6.06 -9.74
N ASP B 62 1.79 6.26 -10.97
CA ASP B 62 2.27 5.53 -12.18
C ASP B 62 2.92 6.57 -13.11
N PHE B 63 3.51 7.60 -12.54
CA PHE B 63 4.31 8.62 -13.25
C PHE B 63 3.59 9.12 -14.51
N GLY B 64 2.37 9.63 -14.29
CA GLY B 64 1.61 10.40 -15.28
C GLY B 64 0.44 9.62 -15.86
N TYR B 65 0.56 8.30 -15.92
CA TYR B 65 -0.53 7.41 -16.41
C TYR B 65 -1.68 7.37 -15.40
N ASP B 66 -1.51 8.03 -14.24
CA ASP B 66 -2.55 8.19 -13.19
C ASP B 66 -2.95 9.67 -13.15
N VAL B 67 -3.86 10.07 -14.04
CA VAL B 67 -4.10 11.52 -14.31
C VAL B 67 -5.18 12.03 -13.36
N SER B 68 -4.95 13.17 -12.70
CA SER B 68 -5.95 13.82 -11.82
C SER B 68 -6.61 15.01 -12.52
N ASP B 69 -6.11 15.45 -13.67
CA ASP B 69 -6.80 16.47 -14.48
C ASP B 69 -6.41 16.28 -15.94
N TYR B 70 -7.39 16.04 -16.81
CA TYR B 70 -7.13 15.63 -18.21
C TYR B 70 -6.68 16.81 -19.07
N CYS B 71 -7.10 18.04 -18.76
CA CYS B 71 -6.90 19.23 -19.62
C CYS B 71 -6.05 20.26 -18.88
N ASP B 72 -5.06 19.79 -18.11
CA ASP B 72 -4.05 20.71 -17.53
C ASP B 72 -2.71 19.99 -17.46
N VAL B 73 -1.66 20.78 -17.28
CA VAL B 73 -0.28 20.26 -17.17
C VAL B 73 0.05 20.21 -15.69
N ASP B 74 0.72 19.15 -15.27
CA ASP B 74 1.19 19.05 -13.87
C ASP B 74 2.21 20.17 -13.65
N PRO B 75 2.16 20.84 -12.50
CA PRO B 75 3.19 21.82 -12.15
C PRO B 75 4.63 21.31 -12.35
N ILE B 76 4.86 20.01 -12.21
CA ILE B 76 6.22 19.40 -12.34
C ILE B 76 6.78 19.73 -13.72
N PHE B 77 5.93 19.69 -14.74
CA PHE B 77 6.37 19.78 -16.14
C PHE B 77 6.30 21.22 -16.65
N GLY B 78 5.63 22.10 -15.90
CA GLY B 78 5.35 23.48 -16.30
C GLY B 78 3.86 23.65 -16.48
N THR B 79 3.47 24.42 -17.49
CA THR B 79 2.10 24.97 -17.55
C THR B 79 1.54 24.69 -18.93
N LEU B 80 0.28 25.03 -19.14
CA LEU B 80 -0.36 24.97 -20.47
C LEU B 80 0.43 25.84 -21.46
N GLU B 81 0.92 27.01 -21.04
CA GLU B 81 1.67 27.97 -21.90
C GLU B 81 2.89 27.26 -22.48
N ASP B 82 3.68 26.59 -21.64
CA ASP B 82 4.86 25.79 -22.05
C ASP B 82 4.47 24.75 -23.11
N PHE B 83 3.34 24.08 -22.95
CA PHE B 83 2.89 23.07 -23.95
C PHE B 83 2.65 23.76 -25.30
N ASP B 84 2.06 24.95 -25.30
CA ASP B 84 1.77 25.73 -26.54
C ASP B 84 3.09 26.13 -27.20
N ALA B 85 4.12 26.43 -26.41
CA ALA B 85 5.49 26.69 -26.92
C ALA B 85 6.03 25.40 -27.56
N VAL B 86 5.81 24.24 -26.94
CA VAL B 86 6.31 22.96 -27.50
C VAL B 86 5.61 22.70 -28.83
N ILE B 87 4.29 22.84 -28.87
CA ILE B 87 3.54 22.69 -30.14
C ILE B 87 4.08 23.67 -31.18
N ALA B 88 4.20 24.96 -30.82
CA ALA B 88 4.60 26.05 -31.76
C ALA B 88 6.02 25.75 -32.25
N ARG B 89 6.93 25.43 -31.34
CA ARG B 89 8.36 25.17 -31.65
C ARG B 89 8.46 23.92 -32.52
N SER B 90 7.59 22.95 -32.31
CA SER B 90 7.61 21.68 -33.07
C SER B 90 7.20 21.98 -34.50
N HIS B 91 6.12 22.72 -34.72
CA HIS B 91 5.66 23.02 -36.11
C HIS B 91 6.73 23.88 -36.80
N GLU B 92 7.51 24.64 -36.03
CA GLU B 92 8.63 25.47 -36.56
C GLU B 92 9.72 24.56 -37.14
N LEU B 93 9.95 23.41 -36.53
CA LEU B 93 11.02 22.49 -37.00
C LEU B 93 10.46 21.44 -37.97
N GLY B 94 9.19 21.57 -38.36
CA GLY B 94 8.51 20.63 -39.29
C GLY B 94 8.12 19.32 -38.63
N LEU B 95 8.14 19.24 -37.30
CA LEU B 95 7.73 18.02 -36.53
C LEU B 95 6.22 18.08 -36.25
N LYS B 96 5.59 16.91 -36.24
CA LYS B 96 4.23 16.74 -35.69
C LYS B 96 4.34 16.39 -34.20
N VAL B 97 3.27 16.68 -33.46
CA VAL B 97 3.21 16.43 -32.00
C VAL B 97 1.98 15.56 -31.75
N LEU B 98 2.26 14.34 -31.27
CA LEU B 98 1.26 13.41 -30.68
C LEU B 98 1.41 13.46 -29.17
N ILE B 99 0.30 13.24 -28.44
CA ILE B 99 0.37 13.19 -26.96
C ILE B 99 -0.38 11.95 -26.49
N ASP B 100 -0.08 11.53 -25.27
CA ASP B 100 -0.76 10.37 -24.65
C ASP B 100 -2.18 10.78 -24.27
N GLN B 101 -3.11 9.83 -24.35
CA GLN B 101 -4.46 9.96 -23.76
C GLN B 101 -4.69 8.67 -22.99
N VAL B 102 -5.04 8.79 -21.72
CA VAL B 102 -5.29 7.63 -20.84
C VAL B 102 -6.76 7.65 -20.45
N TYR B 103 -7.59 6.86 -21.10
CA TYR B 103 -9.05 6.90 -20.91
C TYR B 103 -9.59 5.70 -20.12
N SER B 104 -8.82 4.62 -19.97
N SER B 104 -8.82 4.62 -19.98
CA SER B 104 -9.31 3.38 -19.30
CA SER B 104 -9.27 3.38 -19.29
C SER B 104 -9.35 3.57 -17.77
C SER B 104 -9.34 3.57 -17.78
N HIS B 105 -8.82 4.67 -17.25
CA HIS B 105 -8.74 4.92 -15.78
C HIS B 105 -8.32 6.36 -15.51
N THR B 106 -8.59 6.84 -14.31
CA THR B 106 -8.02 8.11 -13.82
C THR B 106 -7.29 7.83 -12.51
N SER B 107 -6.51 8.80 -12.05
CA SER B 107 -6.05 8.85 -10.65
C SER B 107 -7.26 8.86 -9.71
N ASP B 108 -7.13 8.19 -8.57
CA ASP B 108 -8.17 8.29 -7.51
C ASP B 108 -8.26 9.73 -7.00
N ASP B 109 -7.27 10.59 -7.29
CA ASP B 109 -7.33 12.03 -6.91
C ASP B 109 -8.08 12.85 -7.99
N HIS B 110 -8.53 12.23 -9.08
CA HIS B 110 -9.34 12.93 -10.11
C HIS B 110 -10.64 13.41 -9.47
N GLU B 111 -11.10 14.60 -9.87
CA GLU B 111 -12.36 15.17 -9.32
C GLU B 111 -13.52 14.22 -9.60
N TRP B 112 -13.52 13.55 -10.74
CA TRP B 112 -14.60 12.62 -11.11
C TRP B 112 -14.65 11.50 -10.06
N PHE B 113 -13.52 10.86 -9.81
CA PHE B 113 -13.51 9.76 -8.80
C PHE B 113 -13.83 10.37 -7.45
N ALA B 114 -13.23 11.53 -7.13
CA ALA B 114 -13.55 12.27 -5.90
C ALA B 114 -15.08 12.34 -5.74
N GLU B 115 -15.80 12.76 -6.78
CA GLU B 115 -17.27 12.83 -6.72
C GLU B 115 -17.89 11.42 -6.73
N SER B 116 -17.40 10.52 -7.58
CA SER B 116 -18.03 9.19 -7.81
C SER B 116 -18.03 8.38 -6.52
N ARG B 117 -16.92 8.42 -5.79
CA ARG B 117 -16.75 7.57 -4.59
C ARG B 117 -17.54 8.15 -3.42
N SER B 118 -18.11 9.36 -3.54
CA SER B 118 -18.62 10.14 -2.37
C SER B 118 -19.82 9.44 -1.75
N ASN B 119 -20.63 8.76 -2.56
CA ASN B 119 -21.89 8.06 -2.17
C ASN B 119 -22.40 7.39 -3.44
N ARG B 120 -23.64 6.90 -3.45
CA ARG B 120 -24.16 6.04 -4.52
C ARG B 120 -25.21 6.75 -5.37
N ASP B 121 -25.46 8.04 -5.16
CA ASP B 121 -26.47 8.73 -6.02
C ASP B 121 -25.97 10.08 -6.53
N ASN B 122 -24.70 10.45 -6.30
CA ASN B 122 -24.09 11.65 -6.94
C ASN B 122 -24.16 11.46 -8.45
N PRO B 123 -24.05 12.54 -9.27
CA PRO B 123 -24.16 12.42 -10.72
C PRO B 123 -23.09 11.58 -11.44
N LYS B 124 -21.94 11.35 -10.81
CA LYS B 124 -20.85 10.56 -11.44
C LYS B 124 -20.74 9.18 -10.78
N ALA B 125 -21.79 8.69 -10.14
CA ALA B 125 -21.74 7.40 -9.38
C ALA B 125 -21.48 6.24 -10.35
N GLU B 126 -21.93 6.32 -11.60
CA GLU B 126 -21.66 5.24 -12.60
C GLU B 126 -20.57 5.64 -13.61
N TRP B 127 -19.69 6.58 -13.28
CA TRP B 127 -18.53 6.89 -14.16
C TRP B 127 -17.40 5.89 -13.93
N TYR B 128 -17.39 5.22 -12.78
CA TYR B 128 -16.39 4.22 -12.37
C TYR B 128 -17.11 2.92 -12.06
N VAL B 129 -16.35 1.84 -11.89
CA VAL B 129 -16.90 0.48 -11.77
C VAL B 129 -17.02 0.14 -10.29
N TRP B 130 -18.22 0.32 -9.77
CA TRP B 130 -18.51 0.02 -8.36
C TRP B 130 -19.32 -1.27 -8.30
N ALA B 131 -19.02 -2.09 -7.30
CA ALA B 131 -19.78 -3.32 -7.03
C ALA B 131 -19.60 -3.69 -5.57
N ASP B 132 -20.65 -4.30 -5.02
CA ASP B 132 -20.70 -4.71 -3.60
C ASP B 132 -19.74 -5.89 -3.43
N ALA B 133 -19.08 -5.92 -2.28
CA ALA B 133 -18.41 -7.12 -1.74
C ALA B 133 -19.35 -8.33 -1.89
N LYS B 134 -18.78 -9.52 -1.99
CA LYS B 134 -19.57 -10.76 -1.80
C LYS B 134 -20.08 -10.77 -0.35
N PRO B 135 -21.10 -11.58 -0.02
CA PRO B 135 -21.56 -11.70 1.37
C PRO B 135 -20.49 -12.01 2.43
N ASP B 136 -19.33 -12.57 2.05
CA ASP B 136 -18.22 -12.91 2.97
C ASP B 136 -17.14 -11.81 2.97
N GLY B 137 -17.34 -10.71 2.23
CA GLY B 137 -16.40 -9.59 2.17
C GLY B 137 -15.43 -9.70 0.99
N SER B 138 -15.38 -10.83 0.27
CA SER B 138 -14.52 -11.03 -0.91
C SER B 138 -14.85 -10.00 -1.98
N PRO B 139 -13.90 -9.70 -2.89
CA PRO B 139 -14.13 -8.80 -4.00
C PRO B 139 -15.21 -9.33 -4.94
N PRO B 140 -15.83 -8.48 -5.79
CA PRO B 140 -16.95 -8.91 -6.60
C PRO B 140 -16.55 -9.92 -7.68
N SER B 141 -15.27 -10.00 -8.02
CA SER B 141 -14.75 -10.96 -9.01
C SER B 141 -13.31 -11.33 -8.66
N ASN B 142 -12.75 -12.25 -9.44
CA ASN B 142 -11.40 -12.83 -9.24
C ASN B 142 -10.39 -12.05 -10.07
N TRP B 143 -10.75 -10.90 -10.65
CA TRP B 143 -9.81 -10.14 -11.51
C TRP B 143 -8.60 -9.67 -10.68
N GLN B 144 -7.45 -9.59 -11.31
CA GLN B 144 -6.15 -9.34 -10.64
C GLN B 144 -5.46 -8.21 -11.37
N SER B 145 -4.80 -7.33 -10.62
CA SER B 145 -4.16 -6.11 -11.17
C SER B 145 -2.95 -6.49 -12.04
N VAL B 146 -2.86 -5.86 -13.22
CA VAL B 146 -1.63 -5.88 -14.07
C VAL B 146 -0.40 -5.73 -13.18
N PHE B 147 -0.46 -4.88 -12.15
CA PHE B 147 0.72 -4.49 -11.33
C PHE B 147 0.78 -5.27 -10.02
N GLY B 148 -0.09 -6.24 -9.82
CA GLY B 148 0.01 -7.11 -8.63
C GLY B 148 -1.18 -6.96 -7.68
N GLY B 149 -1.46 -8.03 -6.95
CA GLY B 149 -2.60 -8.05 -6.03
C GLY B 149 -3.91 -7.95 -6.80
N PRO B 150 -5.02 -7.83 -6.05
CA PRO B 150 -6.34 -7.86 -6.68
C PRO B 150 -6.62 -6.60 -7.52
N ALA B 151 -7.58 -6.72 -8.44
CA ALA B 151 -8.05 -5.62 -9.30
C ALA B 151 -9.26 -4.91 -8.65
N TRP B 152 -9.51 -5.11 -7.36
CA TRP B 152 -10.57 -4.35 -6.65
C TRP B 152 -10.03 -3.87 -5.31
N THR B 153 -10.42 -2.66 -4.90
CA THR B 153 -10.06 -2.08 -3.59
C THR B 153 -11.32 -1.56 -2.88
N TRP B 154 -11.33 -1.72 -1.56
CA TRP B 154 -12.49 -1.32 -0.72
C TRP B 154 -12.56 0.22 -0.60
N ASP B 155 -13.78 0.76 -0.66
CA ASP B 155 -14.04 2.18 -0.29
C ASP B 155 -15.22 2.22 0.69
N ALA B 156 -14.94 2.60 1.95
CA ALA B 156 -15.93 2.70 3.05
C ALA B 156 -16.84 3.92 2.86
N ARG B 157 -16.49 4.89 1.99
CA ARG B 157 -17.36 6.04 1.66
C ARG B 157 -18.61 5.51 0.98
N ARG B 158 -18.51 4.44 0.18
CA ARG B 158 -19.72 3.83 -0.45
C ARG B 158 -20.04 2.46 0.12
N GLY B 159 -19.13 1.84 0.87
CA GLY B 159 -19.32 0.45 1.32
C GLY B 159 -19.33 -0.46 0.11
N GLN B 160 -18.39 -0.22 -0.82
CA GLN B 160 -18.29 -1.00 -2.08
C GLN B 160 -16.85 -1.10 -2.54
N TYR B 161 -16.58 -2.10 -3.35
CA TYR B 161 -15.30 -2.20 -4.11
C TYR B 161 -15.41 -1.37 -5.39
N TYR B 162 -14.29 -0.77 -5.80
CA TYR B 162 -14.11 -0.20 -7.15
C TYR B 162 -13.01 -0.95 -7.89
N LEU B 163 -13.21 -1.05 -9.20
CA LEU B 163 -12.31 -1.81 -10.11
C LEU B 163 -11.11 -0.96 -10.45
N HIS B 164 -9.96 -1.61 -10.56
CA HIS B 164 -8.75 -1.03 -11.14
C HIS B 164 -7.90 -2.16 -11.73
N ASN B 165 -7.70 -2.11 -13.04
CA ASN B 165 -6.82 -3.07 -13.75
C ASN B 165 -5.37 -2.77 -13.37
N PHE B 166 -5.07 -1.50 -13.12
CA PHE B 166 -3.71 -1.04 -12.76
C PHE B 166 -3.72 -0.70 -11.26
N LEU B 167 -2.91 0.25 -10.79
CA LEU B 167 -2.78 0.39 -9.31
C LEU B 167 -4.15 0.73 -8.68
N SER B 168 -4.22 0.61 -7.36
CA SER B 168 -5.28 1.16 -6.48
C SER B 168 -5.57 2.60 -6.87
N SER B 169 -4.53 3.31 -7.27
CA SER B 169 -4.53 4.77 -7.52
C SER B 169 -5.00 5.05 -8.93
N GLN B 170 -5.43 4.02 -9.66
CA GLN B 170 -5.94 4.17 -11.05
C GLN B 170 -7.29 3.49 -11.16
N PRO B 171 -8.37 3.98 -10.50
CA PRO B 171 -9.69 3.37 -10.67
C PRO B 171 -10.05 3.34 -12.15
N GLN B 172 -10.58 2.20 -12.61
CA GLN B 172 -11.08 2.00 -14.00
C GLN B 172 -12.26 2.93 -14.27
N LEU B 173 -12.23 3.65 -15.39
CA LEU B 173 -13.37 4.46 -15.90
C LEU B 173 -14.42 3.52 -16.50
N ASN B 174 -15.68 3.67 -16.12
CA ASN B 174 -16.86 2.92 -16.68
C ASN B 174 -17.21 3.52 -18.04
N LEU B 175 -16.43 3.22 -19.07
CA LEU B 175 -16.67 3.80 -20.41
C LEU B 175 -17.90 3.17 -21.06
N HIS B 176 -18.61 2.26 -20.39
CA HIS B 176 -19.98 1.81 -20.78
C HIS B 176 -20.97 2.95 -20.52
N ASN B 177 -20.61 3.85 -19.59
CA ASN B 177 -21.46 5.00 -19.18
C ASN B 177 -21.39 6.10 -20.24
N ARG B 178 -22.57 6.51 -20.71
CA ARG B 178 -22.72 7.57 -21.72
C ARG B 178 -21.95 8.82 -21.32
N GLU B 179 -22.10 9.27 -20.08
CA GLU B 179 -21.52 10.55 -19.60
C GLU B 179 -19.99 10.43 -19.59
N ALA B 180 -19.42 9.39 -18.99
CA ALA B 180 -17.95 9.26 -18.86
C ALA B 180 -17.36 9.08 -20.27
N GLN B 181 -18.03 8.32 -21.13
CA GLN B 181 -17.62 8.16 -22.54
C GLN B 181 -17.57 9.55 -23.18
N GLN B 182 -18.65 10.32 -23.08
CA GLN B 182 -18.73 11.66 -23.72
C GLN B 182 -17.57 12.52 -23.20
N ALA B 183 -17.36 12.52 -21.89
CA ALA B 183 -16.40 13.42 -21.22
C ALA B 183 -14.95 13.10 -21.65
N VAL B 184 -14.62 11.87 -22.04
CA VAL B 184 -13.22 11.61 -22.49
C VAL B 184 -13.08 12.08 -23.94
N LEU B 185 -14.11 11.91 -24.77
CA LEU B 185 -14.16 12.44 -26.16
C LEU B 185 -13.99 13.96 -26.11
N ASP B 186 -14.53 14.59 -25.08
CA ASP B 186 -14.44 16.07 -24.88
C ASP B 186 -13.06 16.42 -24.35
N VAL B 187 -12.35 15.50 -23.69
CA VAL B 187 -10.92 15.76 -23.37
C VAL B 187 -10.14 15.82 -24.70
N MET B 188 -10.27 14.79 -25.53
CA MET B 188 -9.50 14.69 -26.79
C MET B 188 -9.79 15.92 -27.65
N ARG B 189 -11.05 16.38 -27.72
CA ARG B 189 -11.44 17.62 -28.44
C ARG B 189 -10.66 18.81 -27.87
N PHE B 190 -10.63 18.95 -26.54
CA PHE B 190 -9.86 20.06 -25.90
C PHE B 190 -8.46 20.11 -26.52
N TRP B 191 -7.83 18.96 -26.71
CA TRP B 191 -6.40 18.90 -27.07
C TRP B 191 -6.21 19.13 -28.58
N LEU B 192 -7.10 18.60 -29.43
CA LEU B 192 -7.07 18.89 -30.90
C LEU B 192 -7.17 20.40 -31.11
N GLU B 193 -7.94 21.11 -30.29
CA GLU B 193 -8.15 22.57 -30.44
C GLU B 193 -6.86 23.32 -30.08
N ARG B 194 -5.91 22.68 -29.40
CA ARG B 194 -4.58 23.29 -29.12
C ARG B 194 -3.58 23.00 -30.24
N GLY B 195 -3.98 22.29 -31.28
CA GLY B 195 -3.17 22.09 -32.51
C GLY B 195 -2.40 20.77 -32.49
N VAL B 196 -2.68 19.88 -31.56
CA VAL B 196 -1.96 18.58 -31.54
C VAL B 196 -2.25 17.85 -32.86
N ASP B 197 -1.32 17.03 -33.30
CA ASP B 197 -1.37 16.35 -34.62
C ASP B 197 -1.95 14.94 -34.42
N GLY B 198 -2.10 14.53 -33.17
CA GLY B 198 -2.73 13.25 -32.85
C GLY B 198 -2.30 12.69 -31.51
N PHE B 199 -2.48 11.38 -31.35
CA PHE B 199 -2.46 10.74 -30.03
C PHE B 199 -1.93 9.32 -30.08
N ARG B 200 -1.17 9.01 -29.03
CA ARG B 200 -0.97 7.61 -28.61
C ARG B 200 -2.05 7.34 -27.57
N ILE B 201 -2.86 6.31 -27.78
CA ILE B 201 -4.04 6.00 -26.93
C ILE B 201 -3.70 4.85 -25.99
N ASP B 202 -3.70 5.13 -24.69
CA ASP B 202 -3.12 4.25 -23.65
C ASP B 202 -4.07 3.08 -23.39
N ALA B 203 -3.48 1.89 -23.25
CA ALA B 203 -4.12 0.60 -22.94
C ALA B 203 -5.54 0.56 -23.52
N LEU B 204 -5.68 0.75 -24.83
CA LEU B 204 -7.03 0.93 -25.45
C LEU B 204 -7.89 -0.33 -25.26
N ASN B 205 -7.34 -1.52 -25.09
CA ASN B 205 -8.18 -2.73 -24.89
C ASN B 205 -8.60 -2.84 -23.41
N PHE B 206 -8.13 -1.95 -22.52
CA PHE B 206 -8.63 -1.86 -21.13
C PHE B 206 -9.79 -0.86 -21.02
N ALA B 207 -10.29 -0.28 -22.12
CA ALA B 207 -11.29 0.81 -22.04
C ALA B 207 -12.57 0.31 -21.37
N MET B 208 -12.86 -0.98 -21.50
CA MET B 208 -14.20 -1.51 -21.18
C MET B 208 -14.09 -2.95 -20.72
N HIS B 209 -14.78 -3.23 -19.63
CA HIS B 209 -14.74 -4.50 -18.88
C HIS B 209 -16.08 -5.22 -19.07
N ASP B 210 -16.23 -6.40 -18.50
CA ASP B 210 -17.49 -7.19 -18.55
C ASP B 210 -18.42 -6.71 -17.45
N PRO B 211 -19.55 -6.04 -17.77
CA PRO B 211 -20.47 -5.57 -16.71
C PRO B 211 -21.04 -6.71 -15.84
N GLN B 212 -20.96 -7.97 -16.30
CA GLN B 212 -21.46 -9.09 -15.46
C GLN B 212 -20.47 -9.39 -14.31
N LEU B 213 -19.24 -8.91 -14.36
CA LEU B 213 -18.21 -9.20 -13.32
C LEU B 213 -17.92 -10.70 -13.28
N ARG B 214 -18.07 -11.40 -14.41
CA ARG B 214 -17.75 -12.84 -14.54
C ARG B 214 -16.26 -13.07 -14.30
N ASP B 215 -15.95 -14.07 -13.48
CA ASP B 215 -14.58 -14.47 -13.12
C ASP B 215 -13.78 -14.83 -14.38
N ASN B 216 -12.48 -14.54 -14.34
CA ASN B 216 -11.52 -14.93 -15.39
C ASN B 216 -11.17 -16.39 -15.20
N PRO B 217 -11.12 -17.19 -16.29
CA PRO B 217 -10.75 -18.61 -16.19
C PRO B 217 -9.25 -18.75 -15.93
N PRO B 218 -8.78 -19.89 -15.38
CA PRO B 218 -7.36 -20.12 -15.15
C PRO B 218 -6.63 -20.10 -16.50
N ALA B 219 -5.39 -19.65 -16.48
CA ALA B 219 -4.52 -19.68 -17.68
C ALA B 219 -3.87 -21.06 -17.77
N PRO B 220 -3.43 -21.48 -18.98
CA PRO B 220 -2.73 -22.76 -19.12
C PRO B 220 -1.33 -22.65 -18.52
N PRO B 221 -0.77 -23.73 -17.94
CA PRO B 221 0.65 -23.77 -17.58
C PRO B 221 1.55 -23.40 -18.76
N THR B 222 2.82 -23.04 -18.51
CA THR B 222 3.47 -23.09 -17.21
C THR B 222 3.61 -21.68 -16.63
N LYS B 224 7.48 -20.73 -19.04
CA LYS B 224 8.21 -19.96 -18.00
C LYS B 224 7.46 -20.08 -16.66
N GLN B 225 7.63 -19.10 -15.76
CA GLN B 225 6.98 -19.11 -14.42
C GLN B 225 6.20 -17.80 -14.23
N ARG B 226 5.29 -17.80 -13.26
CA ARG B 226 4.31 -16.71 -13.07
C ARG B 226 4.81 -15.76 -11.99
N THR B 227 4.63 -14.48 -12.23
CA THR B 227 5.33 -13.41 -11.48
C THR B 227 4.37 -12.75 -10.50
N ARG B 228 3.08 -13.03 -10.63
CA ARG B 228 2.01 -12.31 -9.94
C ARG B 228 0.68 -13.02 -10.18
N PRO B 229 -0.34 -12.80 -9.32
CA PRO B 229 -1.66 -13.41 -9.52
C PRO B 229 -2.26 -13.12 -10.92
N PHE B 230 -2.04 -11.92 -11.45
CA PHE B 230 -2.52 -11.55 -12.82
C PHE B 230 -2.11 -12.64 -13.82
N ASP B 231 -0.98 -13.32 -13.60
CA ASP B 231 -0.40 -14.25 -14.61
C ASP B 231 -1.13 -15.59 -14.63
N PHE B 232 -1.99 -15.87 -13.64
CA PHE B 232 -2.63 -17.20 -13.49
C PHE B 232 -3.89 -17.31 -14.36
N GLN B 233 -4.43 -16.19 -14.86
CA GLN B 233 -5.79 -16.19 -15.47
C GLN B 233 -5.75 -15.55 -16.86
N LEU B 234 -6.62 -16.01 -17.77
CA LEU B 234 -6.85 -15.37 -19.09
C LEU B 234 -7.65 -14.08 -18.85
N LYS B 235 -7.29 -12.99 -19.51
CA LYS B 235 -7.95 -11.69 -19.26
C LYS B 235 -9.19 -11.58 -20.16
N THR B 236 -10.22 -12.35 -19.82
CA THR B 236 -11.38 -12.55 -20.71
C THR B 236 -12.47 -11.51 -20.41
N TYR B 237 -12.62 -11.12 -19.16
CA TYR B 237 -13.79 -10.31 -18.74
C TYR B 237 -13.37 -8.99 -18.07
N ASN B 238 -12.17 -8.87 -17.53
CA ASN B 238 -11.75 -7.59 -16.88
C ASN B 238 -11.51 -6.50 -17.93
N GLN B 239 -11.59 -6.80 -19.21
CA GLN B 239 -11.18 -5.87 -20.29
C GLN B 239 -11.67 -6.44 -21.62
N SER B 240 -11.24 -5.85 -22.74
CA SER B 240 -11.41 -6.42 -24.11
C SER B 240 -12.91 -6.63 -24.41
N HIS B 241 -13.81 -5.82 -23.86
CA HIS B 241 -15.26 -5.87 -24.23
C HIS B 241 -15.45 -5.56 -25.73
N ALA B 242 -16.44 -6.20 -26.35
CA ALA B 242 -16.80 -6.07 -27.77
C ALA B 242 -17.26 -4.65 -28.17
N ASP B 243 -17.64 -3.76 -27.24
CA ASP B 243 -18.12 -2.41 -27.63
C ASP B 243 -16.93 -1.47 -27.85
N ILE B 244 -15.69 -1.94 -27.72
CA ILE B 244 -14.56 -1.00 -27.76
C ILE B 244 -14.44 -0.39 -29.16
N PRO B 245 -14.41 -1.19 -30.26
CA PRO B 245 -14.32 -0.60 -31.60
C PRO B 245 -15.39 0.46 -31.89
N ALA B 246 -16.62 0.26 -31.39
CA ALA B 246 -17.72 1.24 -31.52
C ALA B 246 -17.28 2.57 -30.87
N PHE B 247 -16.57 2.53 -29.76
CA PHE B 247 -16.07 3.76 -29.07
C PHE B 247 -14.93 4.37 -29.89
N ILE B 248 -14.08 3.52 -30.45
CA ILE B 248 -12.99 3.98 -31.34
C ILE B 248 -13.61 4.69 -32.56
N GLU B 249 -14.83 4.33 -32.95
CA GLU B 249 -15.53 4.99 -34.09
C GLU B 249 -15.86 6.43 -33.73
N ARG B 250 -16.20 6.73 -32.49
CA ARG B 250 -16.52 8.13 -32.10
C ARG B 250 -15.19 8.91 -32.11
N ILE B 251 -14.08 8.23 -31.83
CA ILE B 251 -12.76 8.91 -31.79
C ILE B 251 -12.37 9.30 -33.21
N ARG B 252 -12.42 8.35 -34.13
CA ARG B 252 -12.07 8.60 -35.56
C ARG B 252 -12.99 9.70 -36.10
N ALA B 253 -14.30 9.60 -35.87
CA ALA B 253 -15.25 10.68 -36.23
C ALA B 253 -14.78 12.00 -35.63
N LEU B 254 -14.30 12.00 -34.37
CA LEU B 254 -13.83 13.27 -33.75
C LEU B 254 -12.52 13.72 -34.42
N THR B 255 -11.54 12.85 -34.61
CA THR B 255 -10.26 13.29 -35.23
C THR B 255 -10.53 13.81 -36.65
N ASP B 256 -11.48 13.23 -37.38
CA ASP B 256 -11.80 13.64 -38.78
C ASP B 256 -12.40 15.06 -38.83
N GLU B 257 -12.70 15.68 -37.70
CA GLU B 257 -13.18 17.09 -37.71
C GLU B 257 -11.97 17.99 -37.98
N PHE B 258 -10.77 17.47 -37.78
CA PHE B 258 -9.51 18.25 -37.86
C PHE B 258 -8.66 17.64 -38.97
N ASP B 259 -7.82 18.48 -39.55
CA ASP B 259 -6.91 18.19 -40.68
C ASP B 259 -5.75 17.34 -40.17
N GLY B 260 -5.48 16.22 -40.83
CA GLY B 260 -4.18 15.54 -40.77
C GLY B 260 -3.85 14.97 -39.39
N ILE B 261 -4.85 14.53 -38.62
CA ILE B 261 -4.64 13.86 -37.30
C ILE B 261 -4.23 12.39 -37.49
N PHE B 262 -3.36 11.90 -36.61
CA PHE B 262 -2.90 10.48 -36.54
C PHE B 262 -3.18 9.90 -35.14
N THR B 263 -3.74 8.70 -35.09
CA THR B 263 -3.96 7.97 -33.83
C THR B 263 -3.24 6.62 -33.89
N VAL B 264 -2.47 6.32 -32.84
CA VAL B 264 -1.93 4.95 -32.61
C VAL B 264 -2.33 4.48 -31.21
N ALA B 265 -2.83 3.25 -31.11
CA ALA B 265 -3.28 2.63 -29.84
C ALA B 265 -2.21 1.66 -29.30
N GLU B 266 -1.87 1.80 -28.02
CA GLU B 266 -1.18 0.73 -27.26
C GLU B 266 -2.19 -0.38 -26.99
N VAL B 267 -1.83 -1.60 -27.35
CA VAL B 267 -2.70 -2.78 -27.13
C VAL B 267 -1.90 -3.83 -26.38
N GLY B 268 -2.18 -3.97 -25.08
CA GLY B 268 -1.46 -4.89 -24.18
C GLY B 268 -1.94 -6.32 -24.30
N GLY B 269 -1.24 -7.25 -23.65
CA GLY B 269 -1.69 -8.65 -23.50
C GLY B 269 -1.20 -9.52 -24.65
N ASP B 270 -1.27 -10.84 -24.52
CA ASP B 270 -0.75 -11.73 -25.59
C ASP B 270 -1.83 -11.94 -26.66
N ASP B 271 -1.38 -12.35 -27.86
CA ASP B 271 -2.14 -12.42 -29.14
C ASP B 271 -3.16 -11.28 -29.20
N ALA B 272 -2.65 -10.05 -29.15
CA ALA B 272 -3.42 -8.80 -29.18
C ALA B 272 -3.86 -8.47 -30.63
N VAL B 273 -3.64 -9.38 -31.58
CA VAL B 273 -3.72 -9.05 -33.02
C VAL B 273 -5.17 -8.79 -33.43
N ARG B 274 -6.08 -9.66 -33.04
CA ARG B 274 -7.52 -9.55 -33.38
C ARG B 274 -8.02 -8.19 -32.88
N GLU B 275 -7.58 -7.74 -31.71
CA GLU B 275 -8.01 -6.42 -31.19
C GLU B 275 -7.26 -5.31 -31.92
N MET B 276 -5.98 -5.49 -32.23
CA MET B 276 -5.16 -4.48 -32.95
C MET B 276 -5.80 -4.19 -34.32
N LYS B 277 -6.35 -5.21 -34.99
CA LYS B 277 -7.01 -5.05 -36.31
C LYS B 277 -8.38 -4.41 -36.12
N ALA B 278 -9.14 -4.83 -35.11
CA ALA B 278 -10.48 -4.26 -34.82
C ALA B 278 -10.32 -2.77 -34.48
N PHE B 279 -9.23 -2.40 -33.83
CA PHE B 279 -8.97 -1.00 -33.42
C PHE B 279 -8.52 -0.19 -34.64
N THR B 280 -8.15 -0.85 -35.75
CA THR B 280 -7.52 -0.16 -36.92
C THR B 280 -8.28 -0.36 -38.25
N GLU B 281 -9.43 -1.06 -38.26
CA GLU B 281 -10.07 -1.56 -39.52
C GLU B 281 -10.69 -0.39 -40.32
N GLY B 282 -10.55 -0.46 -41.65
CA GLY B 282 -11.10 0.55 -42.58
C GLY B 282 -10.50 1.92 -42.30
N GLU B 283 -11.25 2.99 -42.51
CA GLU B 283 -10.77 4.32 -42.07
C GLU B 283 -11.84 4.96 -41.18
N THR B 284 -12.57 4.10 -40.44
CA THR B 284 -13.62 4.51 -39.47
C THR B 284 -13.15 4.28 -38.03
N HIS B 285 -11.98 3.68 -37.81
CA HIS B 285 -11.37 3.46 -36.48
C HIS B 285 -10.03 4.19 -36.43
N LEU B 286 -9.09 3.76 -35.60
CA LEU B 286 -7.80 4.47 -35.45
C LEU B 286 -6.92 4.20 -36.68
N ASN B 287 -5.78 4.88 -36.78
CA ASN B 287 -4.88 4.72 -37.94
C ASN B 287 -3.99 3.50 -37.74
N SER B 288 -3.50 3.34 -36.52
CA SER B 288 -2.36 2.45 -36.20
C SER B 288 -2.52 1.87 -34.79
N ALA B 289 -1.73 0.86 -34.50
CA ALA B 289 -1.60 0.32 -33.14
C ALA B 289 -0.27 -0.41 -33.04
N TYR B 290 0.22 -0.55 -31.82
CA TYR B 290 1.41 -1.37 -31.50
C TYR B 290 1.07 -2.28 -30.34
N GLY B 291 1.79 -3.41 -30.32
CA GLY B 291 1.71 -4.45 -29.29
C GLY B 291 3.07 -4.74 -28.71
N PHE B 292 3.17 -5.82 -27.95
CA PHE B 292 4.31 -6.12 -27.06
C PHE B 292 5.17 -7.26 -27.62
N ASN B 293 4.98 -7.61 -28.89
CA ASN B 293 5.70 -8.73 -29.54
C ASN B 293 7.22 -8.51 -29.42
N PHE B 294 7.69 -7.27 -29.47
CA PHE B 294 9.13 -6.95 -29.30
C PHE B 294 9.40 -6.48 -27.88
N LEU B 295 8.50 -5.67 -27.29
CA LEU B 295 8.65 -5.18 -25.89
C LEU B 295 8.93 -6.35 -24.92
N TYR B 296 8.21 -7.49 -25.02
CA TYR B 296 8.36 -8.64 -24.09
C TYR B 296 9.09 -9.81 -24.77
N ALA B 297 9.85 -9.56 -25.84
CA ALA B 297 10.69 -10.60 -26.48
C ALA B 297 11.98 -10.73 -25.68
N GLU B 298 12.32 -11.93 -25.23
CA GLU B 298 13.60 -12.20 -24.52
C GLU B 298 14.73 -12.18 -25.54
N ALA B 299 14.44 -12.54 -26.79
CA ALA B 299 15.42 -12.60 -27.90
C ALA B 299 14.84 -11.98 -29.16
N LEU B 300 15.72 -11.50 -30.02
CA LEU B 300 15.37 -10.98 -31.37
C LEU B 300 15.67 -12.08 -32.39
N THR B 301 14.66 -12.86 -32.79
CA THR B 301 14.83 -14.02 -33.71
C THR B 301 14.18 -13.72 -35.04
N PRO B 302 14.58 -14.42 -36.14
CA PRO B 302 13.97 -14.21 -37.45
C PRO B 302 12.51 -14.68 -37.51
N GLN B 303 12.19 -15.78 -36.84
CA GLN B 303 10.81 -16.30 -36.74
C GLN B 303 9.95 -15.20 -36.12
N LEU B 304 10.38 -14.66 -34.97
CA LEU B 304 9.60 -13.64 -34.23
C LEU B 304 9.26 -12.51 -35.22
N VAL B 305 10.26 -12.05 -35.98
CA VAL B 305 10.06 -10.92 -36.92
C VAL B 305 9.03 -11.33 -37.98
N CYS B 306 9.11 -12.54 -38.54
CA CYS B 306 8.21 -12.93 -39.66
C CYS B 306 6.81 -13.19 -39.12
N SER B 307 6.69 -13.91 -38.02
CA SER B 307 5.39 -14.14 -37.35
C SER B 307 4.70 -12.78 -37.14
N ALA B 308 5.44 -11.78 -36.66
CA ALA B 308 4.88 -10.45 -36.36
C ALA B 308 4.31 -9.82 -37.64
N LEU B 309 5.12 -9.76 -38.71
CA LEU B 309 4.72 -9.05 -39.95
C LEU B 309 3.63 -9.83 -40.71
N ALA B 310 3.58 -11.16 -40.56
CA ALA B 310 2.56 -12.00 -41.25
C ALA B 310 1.17 -11.76 -40.61
N GLU B 311 1.12 -11.14 -39.43
CA GLU B 311 -0.16 -10.67 -38.84
C GLU B 311 -0.74 -9.56 -39.71
N TRP B 312 0.09 -8.68 -40.27
CA TRP B 312 -0.37 -7.43 -40.93
C TRP B 312 -0.04 -7.47 -42.41
N PRO B 313 -0.85 -8.18 -43.22
CA PRO B 313 -0.70 -8.16 -44.67
C PRO B 313 -1.06 -6.80 -45.28
N GLU B 314 -0.79 -6.66 -46.58
CA GLU B 314 -1.08 -5.40 -47.30
C GLU B 314 -2.60 -5.24 -47.25
N GLU B 315 -3.29 -6.00 -48.12
CA GLU B 315 -4.77 -6.19 -48.14
C GLU B 315 -5.53 -4.86 -48.18
N PRO B 316 -6.87 -4.87 -48.23
CA PRO B 316 -7.64 -3.64 -48.02
C PRO B 316 -8.44 -3.58 -46.71
N ASP B 317 -8.64 -2.34 -46.24
CA ASP B 317 -9.32 -2.03 -44.95
C ASP B 317 -8.55 -2.62 -43.77
N LEU B 318 -7.32 -3.09 -43.95
CA LEU B 318 -6.46 -3.48 -42.81
C LEU B 318 -5.71 -2.27 -42.29
N GLY B 319 -5.65 -2.14 -40.97
CA GLY B 319 -4.89 -1.10 -40.26
C GLY B 319 -3.40 -1.22 -40.55
N TRP B 320 -2.67 -0.16 -40.18
CA TRP B 320 -1.22 0.02 -40.40
C TRP B 320 -0.47 -0.17 -39.08
N PRO B 321 0.40 -1.18 -38.97
CA PRO B 321 1.04 -1.49 -37.70
C PRO B 321 2.08 -0.41 -37.35
N SER B 322 2.35 -0.29 -36.06
CA SER B 322 3.55 0.38 -35.52
C SER B 322 4.35 -0.64 -34.71
N TRP B 323 5.65 -0.41 -34.62
CA TRP B 323 6.62 -1.33 -33.99
C TRP B 323 7.39 -0.57 -32.93
N ALA B 324 7.35 -1.07 -31.69
CA ALA B 324 8.21 -0.61 -30.57
C ALA B 324 9.14 -1.75 -30.17
N PHE B 325 10.45 -1.53 -30.26
CA PHE B 325 11.49 -2.49 -29.77
C PHE B 325 11.70 -2.29 -28.27
N GLU B 326 11.64 -1.04 -27.81
CA GLU B 326 11.80 -0.71 -26.38
C GLU B 326 11.02 0.57 -26.13
N ASN B 327 10.51 0.75 -24.91
CA ASN B 327 10.00 2.06 -24.41
C ASN B 327 10.03 2.04 -22.88
N HIS B 328 9.31 2.95 -22.22
CA HIS B 328 9.22 3.10 -20.74
C HIS B 328 8.54 1.90 -20.10
N ASP B 329 8.06 0.93 -20.90
CA ASP B 329 7.25 -0.22 -20.38
C ASP B 329 8.04 -1.52 -20.44
N ALA B 330 9.32 -1.49 -20.83
CA ALA B 330 10.12 -2.73 -20.98
C ALA B 330 11.60 -2.40 -20.86
N PRO B 331 12.43 -3.32 -20.33
CA PRO B 331 13.88 -3.11 -20.30
C PRO B 331 14.42 -2.74 -21.68
N ARG B 332 15.39 -1.86 -21.72
CA ARG B 332 16.09 -1.48 -22.96
C ARG B 332 16.51 -2.75 -23.71
N ALA B 333 16.36 -2.73 -25.03
CA ALA B 333 16.52 -3.91 -25.90
C ALA B 333 18.00 -4.35 -25.90
N LEU B 334 18.95 -3.45 -25.65
CA LEU B 334 20.38 -3.83 -25.78
C LEU B 334 20.88 -4.52 -24.50
N SER B 335 20.08 -4.52 -23.44
CA SER B 335 20.36 -5.31 -22.21
C SER B 335 19.58 -6.62 -22.26
N ARG B 336 18.88 -6.90 -23.36
CA ARG B 336 17.97 -8.07 -23.50
C ARG B 336 18.48 -8.98 -24.62
N TRP B 337 18.71 -8.42 -25.82
CA TRP B 337 18.81 -9.21 -27.09
C TRP B 337 20.27 -9.51 -27.48
N CYS B 338 21.27 -9.09 -26.69
CA CYS B 338 22.69 -9.23 -27.11
C CYS B 338 23.61 -9.14 -25.88
N THR B 339 24.84 -9.61 -26.05
CA THR B 339 25.92 -9.55 -25.02
C THR B 339 26.60 -8.19 -25.11
N PRO B 340 27.34 -7.80 -24.05
CA PRO B 340 28.18 -6.61 -24.09
C PRO B 340 29.07 -6.45 -25.34
N GLU B 341 29.75 -7.52 -25.77
CA GLU B 341 30.77 -7.46 -26.86
C GLU B 341 30.07 -7.13 -28.18
N ASP B 342 28.95 -7.80 -28.42
CA ASP B 342 28.20 -7.77 -29.70
C ASP B 342 27.37 -6.47 -29.81
N ARG B 343 27.30 -5.67 -28.74
CA ARG B 343 26.28 -4.59 -28.63
C ARG B 343 26.55 -3.49 -29.66
N GLN B 344 27.80 -3.09 -29.83
CA GLN B 344 28.20 -2.10 -30.87
C GLN B 344 27.68 -2.59 -32.24
N ALA B 345 27.95 -3.83 -32.65
CA ALA B 345 27.50 -4.37 -33.96
C ALA B 345 25.98 -4.50 -33.97
N PHE B 346 25.44 -5.13 -32.94
CA PHE B 346 24.00 -5.46 -32.85
C PHE B 346 23.17 -4.18 -32.97
N ALA B 347 23.56 -3.11 -32.28
CA ALA B 347 22.72 -1.89 -32.17
C ALA B 347 22.41 -1.37 -33.58
N ARG B 348 23.42 -1.31 -34.45
CA ARG B 348 23.26 -0.85 -35.86
C ARG B 348 22.33 -1.85 -36.58
N LEU B 349 22.45 -3.15 -36.28
CA LEU B 349 21.60 -4.19 -36.91
C LEU B 349 20.15 -4.00 -36.46
N LYS B 350 19.97 -3.83 -35.15
CA LYS B 350 18.64 -3.71 -34.48
C LYS B 350 17.89 -2.52 -35.09
N THR B 351 18.60 -1.46 -35.44
CA THR B 351 18.00 -0.18 -35.88
C THR B 351 17.74 -0.22 -37.39
N LEU B 352 18.67 -0.79 -38.17
CA LEU B 352 18.42 -1.01 -39.63
C LEU B 352 17.16 -1.88 -39.77
N LEU B 353 17.00 -2.89 -38.92
CA LEU B 353 15.83 -3.80 -38.96
C LEU B 353 14.56 -3.06 -38.55
N LEU B 354 14.61 -2.14 -37.57
CA LEU B 354 13.42 -1.34 -37.16
C LEU B 354 12.95 -0.54 -38.39
N MET B 355 13.86 0.16 -39.05
CA MET B 355 13.55 1.10 -40.15
C MET B 355 13.17 0.33 -41.42
N SER B 356 13.33 -0.99 -41.46
CA SER B 356 12.97 -1.84 -42.62
C SER B 356 11.69 -2.63 -42.38
N LEU B 357 11.19 -2.69 -41.14
CA LEU B 357 9.88 -3.35 -40.90
C LEU B 357 8.80 -2.59 -41.69
N ARG B 358 7.79 -3.31 -42.15
CA ARG B 358 6.64 -2.66 -42.83
C ARG B 358 5.78 -2.07 -41.73
N GLY B 359 5.59 -0.76 -41.76
CA GLY B 359 4.80 -0.04 -40.74
C GLY B 359 5.59 1.13 -40.22
N ASN B 360 5.07 1.79 -39.20
CA ASN B 360 5.74 2.92 -38.53
C ASN B 360 6.75 2.37 -37.52
N ALA B 361 7.94 2.96 -37.50
CA ALA B 361 8.93 2.73 -36.44
C ALA B 361 8.62 3.73 -35.32
N ILE B 362 8.61 3.26 -34.08
CA ILE B 362 8.49 4.15 -32.89
C ILE B 362 9.83 4.11 -32.16
N LEU B 363 10.59 5.19 -32.25
CA LEU B 363 11.94 5.28 -31.71
C LEU B 363 11.82 5.83 -30.28
N TYR B 364 12.42 5.13 -29.32
CA TYR B 364 12.35 5.53 -27.89
C TYR B 364 13.51 6.47 -27.59
N TYR B 365 13.32 7.44 -26.71
CA TYR B 365 14.34 8.48 -26.43
C TYR B 365 15.59 7.75 -25.93
N GLY B 366 16.73 8.07 -26.54
CA GLY B 366 18.03 7.45 -26.21
C GLY B 366 18.31 6.24 -27.06
N GLU B 367 17.32 5.76 -27.83
CA GLU B 367 17.49 4.55 -28.68
C GLU B 367 18.49 4.87 -29.80
N GLU B 368 18.48 6.11 -30.31
CA GLU B 368 19.45 6.56 -31.35
C GLU B 368 20.88 6.54 -30.80
N LEU B 369 21.08 6.60 -29.48
CA LEU B 369 22.43 6.58 -28.87
C LEU B 369 22.84 5.16 -28.48
N GLY B 370 21.89 4.25 -28.29
CA GLY B 370 22.15 2.87 -27.84
C GLY B 370 22.23 2.80 -26.34
N LEU B 371 21.39 3.57 -25.64
CA LEU B 371 21.35 3.57 -24.15
C LEU B 371 21.05 2.15 -23.63
N THR B 372 21.65 1.82 -22.51
CA THR B 372 21.45 0.50 -21.84
C THR B 372 20.65 0.66 -20.56
N GLN B 373 20.00 -0.43 -20.17
CA GLN B 373 19.20 -0.53 -18.93
C GLN B 373 20.13 -0.26 -17.75
N VAL B 374 19.70 0.59 -16.84
CA VAL B 374 20.42 0.78 -15.56
C VAL B 374 19.80 -0.17 -14.53
N ASP B 375 20.63 -0.95 -13.83
CA ASP B 375 20.16 -1.89 -12.78
C ASP B 375 19.80 -1.06 -11.55
N ILE B 376 18.52 -1.00 -11.22
CA ILE B 376 18.00 -0.28 -10.02
C ILE B 376 17.84 -1.30 -8.90
N PRO B 377 18.59 -1.18 -7.78
CA PRO B 377 18.44 -2.11 -6.66
C PRO B 377 17.13 -1.87 -5.89
N PHE B 378 16.81 -2.77 -4.96
CA PHE B 378 15.51 -2.78 -4.25
C PHE B 378 15.31 -1.44 -3.53
N ASP B 379 16.35 -0.99 -2.81
CA ASP B 379 16.38 0.24 -2.00
C ASP B 379 16.04 1.47 -2.85
N GLN B 380 16.31 1.45 -4.14
CA GLN B 380 16.24 2.65 -5.01
C GLN B 380 15.05 2.54 -5.97
N LEU B 381 14.09 1.65 -5.71
CA LEU B 381 12.96 1.39 -6.65
C LEU B 381 11.94 2.54 -6.60
N HIS B 382 11.35 2.83 -7.75
CA HIS B 382 10.24 3.81 -7.90
C HIS B 382 8.96 3.06 -8.26
N ASP B 383 9.02 2.16 -9.25
CA ASP B 383 7.80 1.59 -9.86
C ASP B 383 7.11 0.73 -8.79
N PRO B 384 5.88 1.09 -8.34
CA PRO B 384 5.20 0.35 -7.27
C PRO B 384 5.07 -1.14 -7.61
N GLU B 385 4.91 -1.42 -8.90
CA GLU B 385 4.95 -2.74 -9.54
C GLU B 385 6.19 -3.52 -9.07
N ALA B 386 7.37 -2.94 -9.20
CA ALA B 386 8.64 -3.64 -8.96
C ALA B 386 8.75 -4.01 -7.47
N ILE B 387 8.39 -3.08 -6.60
CA ILE B 387 8.44 -3.32 -5.12
C ILE B 387 7.54 -4.52 -4.80
N ALA B 388 6.31 -4.58 -5.33
CA ALA B 388 5.30 -5.56 -4.87
C ALA B 388 5.66 -6.96 -5.38
N ASN B 389 6.18 -7.09 -6.61
CA ASN B 389 6.39 -8.42 -7.25
C ASN B 389 7.88 -8.78 -7.31
N TRP B 390 8.73 -8.01 -6.63
CA TRP B 390 10.19 -8.27 -6.55
C TRP B 390 10.43 -9.73 -6.17
N PRO B 391 11.32 -10.48 -6.88
CA PRO B 391 12.18 -9.97 -7.95
C PRO B 391 11.71 -10.19 -9.40
N LEU B 392 10.42 -10.48 -9.57
CA LEU B 392 9.88 -10.82 -10.90
C LEU B 392 9.06 -9.63 -11.40
N THR B 393 9.77 -8.60 -11.84
CA THR B 393 9.27 -7.23 -12.07
C THR B 393 9.18 -6.95 -13.58
N LEU B 394 8.60 -5.80 -13.93
CA LEU B 394 8.59 -5.29 -15.33
C LEU B 394 9.88 -4.53 -15.65
N SER B 395 10.74 -4.25 -14.67
CA SER B 395 12.04 -3.58 -14.88
C SER B 395 11.86 -2.25 -15.63
N ARG B 396 10.88 -1.44 -15.24
CA ARG B 396 10.51 -0.22 -16.01
C ARG B 396 11.44 0.93 -15.61
N ASP B 397 11.87 0.97 -14.35
CA ASP B 397 12.58 2.15 -13.79
C ASP B 397 13.94 2.29 -14.46
N GLY B 398 14.60 1.16 -14.71
CA GLY B 398 15.95 1.13 -15.30
C GLY B 398 15.94 1.62 -16.74
N ALA B 399 14.76 1.65 -17.37
CA ALA B 399 14.53 2.05 -18.77
C ALA B 399 14.04 3.50 -18.85
N ARG B 400 14.01 4.25 -17.76
CA ARG B 400 13.48 5.64 -17.75
C ARG B 400 14.59 6.59 -17.29
N THR B 401 15.85 6.28 -17.61
CA THR B 401 17.03 7.04 -17.11
C THR B 401 17.23 8.30 -17.94
N PRO B 402 17.76 9.39 -17.34
CA PRO B 402 17.83 10.67 -18.03
C PRO B 402 18.69 10.63 -19.30
N MET B 403 18.28 11.43 -20.29
CA MET B 403 18.97 11.54 -21.59
C MET B 403 20.34 12.15 -21.33
N PRO B 404 21.42 11.54 -21.83
CA PRO B 404 22.75 12.13 -21.70
C PRO B 404 23.02 13.08 -22.89
N TRP B 405 22.97 14.39 -22.66
CA TRP B 405 23.18 15.39 -23.73
C TRP B 405 24.66 15.69 -23.96
N ASP B 406 25.53 15.53 -22.94
CA ASP B 406 27.00 15.73 -23.04
C ASP B 406 27.71 14.97 -21.91
N ASP B 407 29.03 15.17 -21.76
CA ASP B 407 29.85 14.38 -20.79
C ASP B 407 30.20 15.23 -19.56
N SER B 408 29.39 16.23 -19.21
CA SER B 408 29.58 16.99 -17.96
C SER B 408 29.06 16.16 -16.77
N GLU B 409 29.05 16.73 -15.56
CA GLU B 409 28.68 15.97 -14.35
C GLU B 409 27.18 15.68 -14.36
N CYS B 410 26.37 16.61 -14.84
CA CYS B 410 24.89 16.40 -14.92
C CYS B 410 24.50 15.77 -16.27
N ALA B 411 25.48 15.35 -17.08
CA ALA B 411 25.30 14.75 -18.42
C ALA B 411 24.54 15.71 -19.36
N GLY B 412 24.48 17.00 -19.01
CA GLY B 412 23.66 18.01 -19.71
C GLY B 412 22.17 17.87 -19.44
N PHE B 413 21.74 16.90 -18.63
CA PHE B 413 20.30 16.68 -18.32
C PHE B 413 19.71 17.88 -17.55
N GLY B 414 20.52 18.60 -16.76
CA GLY B 414 20.15 19.86 -16.11
C GLY B 414 20.20 19.81 -14.59
N SER B 415 20.56 18.67 -13.99
CA SER B 415 20.85 18.60 -12.54
C SER B 415 21.80 17.45 -12.23
N THR B 416 22.67 17.64 -11.24
CA THR B 416 23.58 16.58 -10.72
C THR B 416 22.85 15.68 -9.71
N ALA B 417 21.57 15.93 -9.43
CA ALA B 417 20.77 15.07 -8.53
C ALA B 417 19.51 14.60 -9.27
N PRO B 418 19.66 13.72 -10.28
CA PRO B 418 18.50 13.30 -11.09
C PRO B 418 17.58 12.33 -10.35
N TRP B 419 16.28 12.36 -10.65
CA TRP B 419 15.30 11.43 -10.04
C TRP B 419 15.70 9.96 -10.29
N LEU B 420 16.42 9.67 -11.38
CA LEU B 420 17.05 8.33 -11.62
C LEU B 420 18.47 8.59 -12.11
N PRO B 421 19.43 7.66 -11.84
CA PRO B 421 20.79 7.80 -12.35
C PRO B 421 20.92 7.72 -13.88
N VAL B 422 21.86 8.49 -14.42
CA VAL B 422 22.20 8.45 -15.87
C VAL B 422 22.62 7.03 -16.23
N GLY B 423 23.35 6.37 -15.34
CA GLY B 423 23.99 5.06 -15.56
C GLY B 423 25.42 5.27 -16.01
N ASP B 424 26.37 4.52 -15.44
CA ASP B 424 27.82 4.63 -15.79
C ASP B 424 28.00 4.35 -17.28
N ASP B 425 27.42 3.25 -17.78
CA ASP B 425 27.60 2.81 -19.18
C ASP B 425 26.97 3.82 -20.14
N ASN B 426 26.07 4.67 -19.65
CA ASN B 426 25.30 5.59 -20.52
C ASN B 426 25.99 6.95 -20.67
N ARG B 427 26.77 7.38 -19.68
CA ARG B 427 27.44 8.73 -19.73
C ARG B 427 28.30 8.85 -20.98
N PRO B 428 29.11 7.84 -21.37
CA PRO B 428 29.88 7.95 -22.62
C PRO B 428 29.08 7.72 -23.90
N ARG B 429 27.74 7.61 -23.82
CA ARG B 429 26.89 7.52 -25.03
C ARG B 429 26.20 8.87 -25.28
N SER B 430 26.63 9.94 -24.59
CA SER B 430 25.97 11.27 -24.66
C SER B 430 25.96 11.82 -26.09
N VAL B 431 25.10 12.81 -26.31
CA VAL B 431 24.81 13.38 -27.65
C VAL B 431 26.08 14.08 -28.16
N ALA B 432 26.72 14.87 -27.32
CA ALA B 432 28.00 15.55 -27.64
C ALA B 432 29.02 14.54 -28.15
N ALA B 433 29.14 13.39 -27.49
CA ALA B 433 30.15 12.36 -27.85
C ALA B 433 29.77 11.69 -29.18
N GLN B 434 28.50 11.46 -29.46
CA GLN B 434 28.08 10.77 -30.71
C GLN B 434 28.07 11.77 -31.87
N LEU B 435 27.81 13.05 -31.58
CA LEU B 435 27.94 14.13 -32.60
C LEU B 435 29.39 14.24 -33.09
N GLY B 436 30.38 14.17 -32.19
CA GLY B 436 31.79 14.23 -32.60
C GLY B 436 32.39 12.85 -32.85
N ASP B 437 31.64 11.95 -33.51
CA ASP B 437 32.06 10.56 -33.80
C ASP B 437 31.34 10.06 -35.06
N ALA B 438 32.04 9.84 -36.16
CA ALA B 438 31.42 9.34 -37.41
C ALA B 438 30.76 7.98 -37.16
N ASN B 439 31.45 7.05 -36.50
CA ASN B 439 30.96 5.66 -36.30
C ASN B 439 29.88 5.59 -35.21
N SER B 440 29.39 6.71 -34.71
CA SER B 440 28.45 6.74 -33.55
C SER B 440 27.08 6.25 -34.00
N LEU B 441 26.37 5.58 -33.10
CA LEU B 441 24.98 5.12 -33.37
C LEU B 441 24.11 6.33 -33.73
N LEU B 442 24.40 7.51 -33.19
CA LEU B 442 23.53 8.69 -33.44
C LEU B 442 23.50 9.03 -34.94
N LYS B 443 24.67 9.08 -35.59
CA LYS B 443 24.78 9.35 -37.04
C LYS B 443 24.16 8.19 -37.81
N PHE B 444 24.43 6.95 -37.41
CA PHE B 444 23.94 5.76 -38.14
C PHE B 444 22.41 5.72 -38.12
N THR B 445 21.78 6.01 -36.99
CA THR B 445 20.30 6.08 -36.88
C THR B 445 19.78 7.14 -37.85
N ARG B 446 20.36 8.34 -37.78
CA ARG B 446 20.00 9.46 -38.68
C ARG B 446 20.07 8.97 -40.13
N GLN B 447 21.16 8.28 -40.46
CA GLN B 447 21.42 7.73 -41.81
C GLN B 447 20.31 6.74 -42.19
N ALA B 448 19.98 5.80 -41.30
CA ALA B 448 18.99 4.75 -41.59
C ALA B 448 17.59 5.36 -41.68
N ILE B 449 17.36 6.51 -41.04
CA ILE B 449 16.05 7.23 -41.12
C ILE B 449 15.93 7.88 -42.50
N ALA B 450 17.02 8.50 -42.99
CA ALA B 450 17.09 9.13 -44.32
C ALA B 450 16.96 8.06 -45.41
N LEU B 451 17.48 6.85 -45.16
CA LEU B 451 17.37 5.72 -46.13
C LEU B 451 15.90 5.36 -46.30
N ARG B 452 15.20 5.16 -45.18
CA ARG B 452 13.77 4.77 -45.21
C ARG B 452 12.96 5.86 -45.92
N LYS B 453 13.27 7.12 -45.63
CA LYS B 453 12.54 8.26 -46.25
C LYS B 453 12.84 8.32 -47.75
N ALA B 454 14.06 8.03 -48.18
CA ALA B 454 14.46 8.21 -49.61
C ALA B 454 14.23 6.93 -50.42
N ASN B 455 13.58 5.91 -49.84
CA ASN B 455 13.32 4.63 -50.57
C ASN B 455 11.92 4.17 -50.27
N PRO B 456 10.93 4.51 -51.14
CA PRO B 456 9.55 4.05 -50.99
C PRO B 456 9.33 2.59 -50.55
N ALA B 457 10.10 1.62 -51.06
CA ALA B 457 9.94 0.20 -50.64
C ALA B 457 10.30 0.04 -49.15
N LEU B 458 11.13 0.91 -48.57
CA LEU B 458 11.34 0.92 -47.10
C LEU B 458 10.28 1.79 -46.42
N HIS B 459 9.89 2.90 -47.06
CA HIS B 459 8.89 3.84 -46.51
C HIS B 459 7.53 3.17 -46.32
N HIS B 460 7.04 2.43 -47.31
CA HIS B 460 5.66 1.91 -47.31
C HIS B 460 5.51 0.70 -48.25
N GLY B 461 6.56 -0.10 -48.42
CA GLY B 461 6.50 -1.25 -49.34
C GLY B 461 5.80 -2.46 -48.72
N HIS B 462 5.10 -3.22 -49.57
CA HIS B 462 4.55 -4.55 -49.21
C HIS B 462 5.71 -5.47 -48.84
N VAL B 463 5.46 -6.44 -47.97
CA VAL B 463 6.41 -7.56 -47.73
C VAL B 463 6.05 -8.69 -48.70
N VAL B 464 6.68 -8.65 -49.88
CA VAL B 464 6.66 -9.73 -50.90
C VAL B 464 6.84 -11.06 -50.18
N GLU B 465 7.88 -11.17 -49.36
CA GLU B 465 8.14 -12.40 -48.56
C GLU B 465 8.96 -12.04 -47.33
N CYS B 466 8.80 -12.84 -46.29
CA CYS B 466 9.60 -12.80 -45.07
C CYS B 466 10.22 -14.18 -44.91
N ASN B 467 11.49 -14.33 -45.25
CA ASN B 467 12.17 -15.64 -45.27
C ASN B 467 13.09 -15.71 -44.05
N HIS B 468 12.87 -16.70 -43.18
CA HIS B 468 13.75 -16.96 -42.02
C HIS B 468 14.49 -18.28 -42.25
N ASP B 469 15.73 -18.17 -42.73
CA ASP B 469 16.75 -19.22 -42.52
C ASP B 469 17.55 -18.79 -41.29
N GLY B 470 18.60 -19.52 -40.91
CA GLY B 470 19.43 -19.23 -39.72
C GLY B 470 18.57 -19.16 -38.47
N ASP B 471 18.51 -18.02 -37.76
CA ASP B 471 19.47 -16.91 -37.68
C ASP B 471 19.55 -15.98 -38.90
N LEU B 472 19.07 -16.36 -40.08
CA LEU B 472 19.12 -15.46 -41.26
C LEU B 472 17.73 -14.88 -41.47
N LEU B 473 17.63 -13.55 -41.46
CA LEU B 473 16.35 -12.85 -41.74
C LEU B 473 16.46 -12.17 -43.09
N GLU B 474 15.44 -12.35 -43.92
CA GLU B 474 15.36 -11.71 -45.25
C GLU B 474 13.96 -11.15 -45.47
N LEU B 475 13.85 -9.85 -45.61
CA LEU B 475 12.58 -9.19 -46.01
C LEU B 475 12.76 -8.72 -47.44
N VAL B 476 11.73 -8.93 -48.27
CA VAL B 476 11.71 -8.39 -49.65
C VAL B 476 10.54 -7.39 -49.74
N ARG B 477 10.89 -6.11 -49.67
CA ARG B 477 9.89 -5.03 -49.75
C ARG B 477 9.71 -4.67 -51.23
N GLU B 478 8.63 -3.98 -51.56
CA GLU B 478 8.33 -3.58 -52.97
C GLU B 478 7.33 -2.42 -52.97
N ALA B 479 7.58 -1.43 -53.83
CA ALA B 479 6.72 -0.24 -53.98
C ALA B 479 7.19 0.58 -55.17
N GLY B 480 6.24 1.07 -55.98
CA GLY B 480 6.46 1.97 -57.14
C GLY B 480 7.57 1.48 -58.04
N GLY B 481 7.62 0.19 -58.34
CA GLY B 481 8.67 -0.43 -59.19
C GLY B 481 9.96 -0.70 -58.43
N GLN B 482 10.17 -0.10 -57.26
CA GLN B 482 11.41 -0.32 -56.47
C GLN B 482 11.28 -1.63 -55.70
N ARG B 483 12.26 -2.52 -55.85
CA ARG B 483 12.26 -3.84 -55.20
C ARG B 483 13.56 -3.98 -54.42
N LEU B 484 13.46 -4.25 -53.13
CA LEU B 484 14.62 -4.32 -52.20
C LEU B 484 14.66 -5.69 -51.52
N ARG B 485 15.87 -6.23 -51.38
CA ARG B 485 16.14 -7.44 -50.59
C ARG B 485 16.96 -7.01 -49.37
N CYS B 486 16.41 -7.17 -48.18
CA CYS B 486 17.03 -6.69 -46.91
C CYS B 486 17.41 -7.92 -46.08
N ARG B 487 18.70 -8.24 -46.04
CA ARG B 487 19.19 -9.48 -45.39
C ARG B 487 19.80 -9.14 -44.02
N PHE B 488 19.39 -9.87 -43.00
CA PHE B 488 19.82 -9.64 -41.60
C PHE B 488 20.35 -10.94 -41.01
N ASN B 489 21.57 -10.89 -40.48
CA ASN B 489 22.15 -12.00 -39.70
C ASN B 489 22.06 -11.61 -38.21
N LEU B 490 21.19 -12.28 -37.46
CA LEU B 490 20.94 -11.96 -36.03
C LEU B 490 21.70 -12.93 -35.11
N GLY B 491 22.73 -13.60 -35.63
CA GLY B 491 23.65 -14.46 -34.85
C GLY B 491 25.08 -13.94 -34.85
N SER B 492 25.98 -14.64 -34.16
CA SER B 492 27.40 -14.22 -33.96
C SER B 492 28.35 -15.02 -34.87
N LYS B 493 27.81 -15.78 -35.83
CA LYS B 493 28.60 -16.60 -36.80
C LYS B 493 28.24 -16.15 -38.21
N PRO B 494 29.15 -16.29 -39.20
CA PRO B 494 28.89 -15.79 -40.55
C PRO B 494 27.86 -16.64 -41.33
N VAL B 495 27.25 -16.07 -42.38
CA VAL B 495 26.18 -16.75 -43.16
C VAL B 495 26.44 -16.49 -44.65
N CYS B 500 21.70 -13.39 -57.37
CA CYS B 500 22.20 -13.50 -55.97
C CYS B 500 22.82 -12.17 -55.53
N GLU B 501 22.33 -11.06 -56.10
CA GLU B 501 22.64 -9.67 -55.69
C GLU B 501 22.15 -8.67 -56.74
N GLY B 502 22.09 -7.40 -56.34
CA GLY B 502 21.95 -6.20 -57.18
C GLY B 502 22.67 -5.05 -56.51
N ARG B 503 22.17 -3.82 -56.66
CA ARG B 503 22.84 -2.56 -56.24
C ARG B 503 22.73 -2.34 -54.71
N THR B 504 23.86 -2.17 -54.02
CA THR B 504 23.96 -2.03 -52.54
C THR B 504 23.61 -0.61 -52.11
N LEU B 505 22.55 -0.44 -51.31
CA LEU B 505 22.14 0.87 -50.74
C LEU B 505 22.88 1.12 -49.43
N LEU B 506 23.16 0.05 -48.69
CA LEU B 506 23.71 0.13 -47.33
C LEU B 506 24.15 -1.26 -46.88
N ALA B 507 25.42 -1.40 -46.52
CA ALA B 507 25.95 -2.60 -45.85
C ALA B 507 26.57 -2.18 -44.52
N ILE B 508 26.27 -2.92 -43.46
CA ILE B 508 26.81 -2.65 -42.09
C ILE B 508 27.57 -3.88 -41.59
N ASN B 509 28.51 -3.65 -40.68
CA ASN B 509 29.29 -4.70 -39.97
C ASN B 509 29.99 -5.61 -40.99
N GLY B 510 30.52 -5.03 -42.09
CA GLY B 510 31.37 -5.73 -43.08
C GLY B 510 30.58 -6.63 -44.01
N ALA B 511 29.39 -6.20 -44.43
CA ALA B 511 28.40 -7.05 -45.16
C ALA B 511 28.67 -7.05 -46.67
N GLU B 512 28.92 -8.23 -47.24
CA GLU B 512 29.03 -8.47 -48.71
C GLU B 512 27.67 -8.91 -49.25
N PRO B 513 27.38 -8.74 -50.56
CA PRO B 513 26.08 -9.16 -51.12
C PRO B 513 25.80 -10.67 -51.11
N THR B 514 26.76 -11.50 -50.71
CA THR B 514 26.50 -12.94 -50.43
C THR B 514 27.36 -13.47 -49.27
N ALA B 515 27.94 -12.61 -48.45
CA ALA B 515 28.61 -13.00 -47.18
C ALA B 515 28.24 -11.98 -46.09
N LEU B 516 27.56 -12.41 -45.04
CA LEU B 516 27.30 -11.58 -43.83
C LEU B 516 28.21 -12.07 -42.71
N PRO B 517 29.07 -11.20 -42.14
CA PRO B 517 29.67 -11.47 -40.83
C PRO B 517 28.66 -11.39 -39.68
N PRO B 518 29.09 -11.67 -38.43
CA PRO B 518 28.17 -11.64 -37.30
C PRO B 518 27.43 -10.29 -37.19
N PHE B 519 26.10 -10.34 -37.11
CA PHE B 519 25.20 -9.18 -36.87
C PHE B 519 25.30 -8.18 -38.02
N ALA B 520 25.67 -8.63 -39.22
CA ALA B 520 25.75 -7.78 -40.44
C ALA B 520 24.40 -7.80 -41.17
N ALA B 521 24.13 -6.73 -41.88
CA ALA B 521 22.94 -6.57 -42.74
C ALA B 521 23.31 -5.80 -44.00
N ILE B 522 22.52 -6.00 -45.05
CA ILE B 522 22.74 -5.33 -46.35
C ILE B 522 21.39 -5.13 -47.01
N ILE B 523 21.10 -3.88 -47.39
CA ILE B 523 19.91 -3.55 -48.22
C ILE B 523 20.38 -3.59 -49.68
N LEU B 524 19.68 -4.38 -50.51
CA LEU B 524 20.05 -4.65 -51.92
C LEU B 524 18.84 -4.35 -52.81
N GLU B 525 18.97 -3.42 -53.76
CA GLU B 525 18.00 -3.24 -54.87
C GLU B 525 17.95 -4.51 -55.72
C TRS C . -2.11 -5.15 17.34
C1 TRS C . -3.01 -4.15 16.62
C2 TRS C . -2.83 -6.45 17.69
C3 TRS C . -0.87 -5.44 16.49
N TRS C . -1.69 -4.48 18.61
O1 TRS C . -2.29 -2.97 16.24
O2 TRS C . -3.76 -6.30 18.77
O3 TRS C . 0.05 -6.35 17.11
C TRS D . -0.27 2.00 -18.56
C1 TRS D . -1.21 2.61 -17.53
C2 TRS D . 0.86 1.22 -17.88
C3 TRS D . -1.03 1.11 -19.52
N TRS D . 0.33 3.11 -19.35
O1 TRS D . -1.91 3.72 -18.09
O2 TRS D . 1.55 2.03 -16.93
O3 TRS D . -0.25 0.82 -20.67
#